data_6OFU
#
_entry.id   6OFU
#
_cell.length_a   80.763
_cell.length_b   85.663
_cell.length_c   84.268
_cell.angle_alpha   90.00
_cell.angle_beta   109.88
_cell.angle_gamma   90.00
#
_symmetry.space_group_name_H-M   'P 1 21 1'
#
loop_
_entity.id
_entity.type
_entity.pdbx_description
1 polymer 'YdjI aldolase'
2 non-polymer 'ZINC ION'
3 non-polymer 'CHLORIDE ION'
4 water water
#
_entity_poly.entity_id   1
_entity_poly.type   'polypeptide(L)'
_entity_poly.pdbx_seq_one_letter_code
;MLADIRYWENDATNKHYAIAHFNVWNAEMLMGVIDAAEEAKSPVIISFGTGFVGNTSFEDFSHMMVSMAQKATVPVITHW
DHGRSMEIIHNAWTHGMNSLMRDASAFDFEENIRLTKEAVDFFHPLGIPVEAELGHVGNETVYEEALAGYHYTDPDQAAE
FVERTGCDSLAVAIGNQHGVYTSEPQLNFEVVKRVRDAVSVPLVLHGASGISDADIKTAISLGIAKINIHTEL(OCS)QA
AMVAVKENQDQPFLHLEREVRKAVKERALEKIKLFGSDGKAELEHHHHHH
;
_entity_poly.pdbx_strand_id   A,B,C,D
#
loop_
_chem_comp.id
_chem_comp.type
_chem_comp.name
_chem_comp.formula
CL non-polymer 'CHLORIDE ION' 'Cl -1'
ZN non-polymer 'ZINC ION' 'Zn 2'
#
# COMPACT_ATOMS: atom_id res chain seq x y z
N MET A 1 15.16 -3.45 -6.81
CA MET A 1 13.99 -4.31 -7.03
C MET A 1 14.05 -5.44 -6.01
N LEU A 2 12.89 -5.88 -5.56
CA LEU A 2 12.79 -7.00 -4.62
C LEU A 2 13.25 -8.27 -5.33
N ALA A 3 14.21 -8.95 -4.74
CA ALA A 3 14.94 -10.01 -5.42
C ALA A 3 14.79 -11.32 -4.65
N ASP A 4 15.05 -12.41 -5.38
CA ASP A 4 14.91 -13.77 -4.84
C ASP A 4 16.27 -14.28 -4.39
N ILE A 5 16.39 -14.52 -3.11
CA ILE A 5 17.67 -14.94 -2.54
C ILE A 5 18.09 -16.30 -3.11
N ARG A 6 17.12 -17.15 -3.50
CA ARG A 6 17.54 -18.45 -4.06
C ARG A 6 18.28 -18.27 -5.39
N TYR A 7 17.76 -17.40 -6.23
CA TYR A 7 18.38 -17.12 -7.52
C TYR A 7 19.79 -16.56 -7.31
N TRP A 8 19.90 -15.58 -6.41
CA TRP A 8 21.17 -14.89 -6.21
C TRP A 8 22.20 -15.76 -5.49
N GLU A 9 21.80 -16.59 -4.53
CA GLU A 9 22.76 -17.46 -3.87
C GLU A 9 23.23 -18.57 -4.84
N ASN A 10 22.35 -18.96 -5.73
CA ASN A 10 22.74 -19.95 -6.78
C ASN A 10 23.80 -19.31 -7.69
N ASP A 11 23.53 -18.08 -8.14
CA ASP A 11 24.43 -17.33 -8.98
C ASP A 11 25.80 -17.21 -8.28
N ALA A 12 25.77 -16.84 -7.01
CA ALA A 12 26.97 -16.69 -6.22
C ALA A 12 27.73 -18.02 -6.10
N THR A 13 27.01 -19.10 -5.83
CA THR A 13 27.64 -20.39 -5.70
C THR A 13 28.31 -20.77 -7.03
N ASN A 14 27.61 -20.58 -8.11
CA ASN A 14 28.10 -20.99 -9.44
C ASN A 14 29.21 -20.08 -9.96
N LYS A 15 29.22 -18.82 -9.59
CA LYS A 15 30.26 -17.93 -10.08
C LYS A 15 31.32 -17.65 -9.01
N HIS A 16 31.32 -18.41 -7.91
CA HIS A 16 32.35 -18.31 -6.89
C HIS A 16 32.44 -16.90 -6.29
N TYR A 17 31.32 -16.26 -5.98
CA TYR A 17 31.37 -15.04 -5.17
C TYR A 17 30.40 -15.17 -3.99
N ALA A 18 30.29 -14.16 -3.12
CA ALA A 18 29.30 -14.21 -2.06
C ALA A 18 28.43 -12.93 -2.09
N ILE A 19 27.17 -13.12 -1.68
CA ILE A 19 26.24 -11.99 -1.48
C ILE A 19 26.46 -11.46 -0.07
N ALA A 20 26.60 -10.14 0.07
CA ALA A 20 26.69 -9.48 1.35
C ALA A 20 25.29 -9.37 1.99
N HIS A 21 25.22 -9.78 3.25
CA HIS A 21 24.04 -9.59 4.09
C HIS A 21 24.38 -8.50 5.11
N PHE A 22 23.65 -7.38 5.06
CA PHE A 22 23.90 -6.30 5.98
C PHE A 22 22.73 -6.12 6.92
N ASN A 23 23.02 -6.07 8.22
CA ASN A 23 22.00 -5.77 9.22
C ASN A 23 21.77 -4.27 9.26
N VAL A 24 20.53 -3.83 8.99
CA VAL A 24 20.22 -2.40 9.01
C VAL A 24 19.00 -2.17 9.91
N TRP A 25 19.08 -1.13 10.73
CA TRP A 25 18.01 -0.93 11.66
C TRP A 25 17.71 0.55 11.87
N ASN A 26 18.28 1.42 11.03
CA ASN A 26 17.84 2.80 11.04
C ASN A 26 18.06 3.40 9.65
N ALA A 27 17.71 4.68 9.51
CA ALA A 27 17.60 5.25 8.17
C ALA A 27 18.98 5.33 7.49
N GLU A 28 19.97 5.82 8.22
CA GLU A 28 21.27 6.01 7.66
C GLU A 28 21.93 4.67 7.31
N MET A 29 21.73 3.64 8.12
CA MET A 29 22.31 2.33 7.77
C MET A 29 21.69 1.79 6.49
N LEU A 30 20.37 1.88 6.39
CA LEU A 30 19.67 1.39 5.21
C LEU A 30 20.15 2.15 3.99
N MET A 31 20.17 3.47 4.09
CA MET A 31 20.48 4.32 2.94
C MET A 31 21.93 4.10 2.48
N GLY A 32 22.85 3.97 3.43
CA GLY A 32 24.25 3.75 3.15
C GLY A 32 24.44 2.44 2.41
N VAL A 33 23.75 1.38 2.85
CA VAL A 33 23.85 0.07 2.17
C VAL A 33 23.31 0.12 0.73
N ILE A 34 22.14 0.73 0.56
CA ILE A 34 21.57 0.82 -0.75
C ILE A 34 22.50 1.66 -1.64
N ASP A 35 23.08 2.74 -1.09
CA ASP A 35 24.02 3.61 -1.84
C ASP A 35 25.15 2.71 -2.38
N ALA A 36 25.72 1.87 -1.50
CA ALA A 36 26.84 0.99 -1.88
C ALA A 36 26.41 0.02 -2.97
N ALA A 37 25.27 -0.66 -2.81
CA ALA A 37 24.88 -1.67 -3.78
C ALA A 37 24.58 -1.02 -5.14
N GLU A 38 23.96 0.15 -5.14
CA GLU A 38 23.74 0.90 -6.41
C GLU A 38 25.08 1.22 -7.08
N GLU A 39 26.01 1.77 -6.33
CA GLU A 39 27.34 2.17 -6.89
C GLU A 39 28.12 0.97 -7.42
N ALA A 40 28.04 -0.17 -6.69
CA ALA A 40 28.82 -1.34 -7.04
C ALA A 40 28.07 -2.24 -8.03
N LYS A 41 26.84 -1.91 -8.42
CA LYS A 41 26.02 -2.70 -9.35
C LYS A 41 25.92 -4.16 -8.86
N SER A 42 25.51 -4.29 -7.60
CA SER A 42 25.63 -5.53 -6.86
C SER A 42 24.27 -5.90 -6.27
N PRO A 43 23.92 -7.21 -6.27
CA PRO A 43 22.87 -7.69 -5.36
C PRO A 43 23.23 -7.45 -3.90
N VAL A 44 22.22 -7.27 -3.07
CA VAL A 44 22.49 -7.09 -1.67
C VAL A 44 21.32 -7.63 -0.86
N ILE A 45 21.64 -8.05 0.37
CA ILE A 45 20.62 -8.46 1.31
C ILE A 45 20.56 -7.45 2.44
N ILE A 46 19.37 -6.94 2.74
CA ILE A 46 19.21 -6.08 3.89
C ILE A 46 18.36 -6.83 4.92
N SER A 47 18.78 -6.74 6.17
CA SER A 47 18.25 -7.61 7.18
C SER A 47 17.87 -6.87 8.45
N PHE A 48 16.79 -7.30 9.07
CA PHE A 48 16.44 -6.89 10.43
C PHE A 48 16.29 -8.18 11.27
N GLY A 49 16.44 -8.06 12.57
CA GLY A 49 16.18 -9.21 13.48
C GLY A 49 15.80 -8.75 14.87
N THR A 50 15.55 -9.71 15.74
CA THR A 50 15.00 -9.40 17.09
C THR A 50 15.99 -8.55 17.90
N GLY A 51 17.29 -8.67 17.62
CA GLY A 51 18.26 -7.88 18.38
C GLY A 51 18.07 -6.38 18.18
N PHE A 52 17.28 -5.96 17.18
CA PHE A 52 17.15 -4.50 16.87
C PHE A 52 15.80 -3.93 17.32
N VAL A 53 14.91 -4.76 17.88
CA VAL A 53 13.55 -4.28 18.10
C VAL A 53 13.49 -3.32 19.29
N GLY A 54 14.45 -3.42 20.19
CA GLY A 54 14.56 -2.42 21.25
C GLY A 54 15.02 -1.07 20.71
N ASN A 55 15.59 -1.02 19.52
CA ASN A 55 16.09 0.25 18.98
C ASN A 55 15.03 0.89 18.08
N THR A 56 14.48 0.07 17.19
CA THR A 56 13.66 0.58 16.10
C THR A 56 12.37 -0.27 15.98
N SER A 57 11.27 0.43 15.71
CA SER A 57 9.97 -0.15 15.47
C SER A 57 9.99 -0.85 14.11
N PHE A 58 10.10 -2.17 14.10
CA PHE A 58 10.25 -2.88 12.84
C PHE A 58 8.98 -2.68 12.03
N GLU A 59 7.83 -2.70 12.69
CA GLU A 59 6.59 -2.68 11.93
C GLU A 59 6.49 -1.38 11.14
N ASP A 60 7.08 -0.30 11.63
CA ASP A 60 7.09 1.00 10.86
C ASP A 60 8.30 1.09 9.92
N PHE A 61 9.49 0.75 10.41
CA PHE A 61 10.71 0.83 9.60
C PHE A 61 10.69 -0.13 8.39
N SER A 62 9.96 -1.25 8.50
CA SER A 62 9.82 -2.22 7.42
C SER A 62 9.29 -1.53 6.17
N HIS A 63 8.44 -0.52 6.30
CA HIS A 63 7.88 0.15 5.13
C HIS A 63 8.99 0.90 4.36
N MET A 64 9.94 1.45 5.09
CA MET A 64 11.05 2.16 4.44
C MET A 64 11.99 1.13 3.79
N MET A 65 12.27 0.00 4.46
CA MET A 65 13.10 -1.06 3.89
C MET A 65 12.53 -1.52 2.55
N VAL A 66 11.25 -1.80 2.54
CA VAL A 66 10.57 -2.39 1.40
C VAL A 66 10.50 -1.35 0.26
N SER A 67 10.16 -0.13 0.64
CA SER A 67 10.17 0.99 -0.33
C SER A 67 11.53 1.10 -1.05
N MET A 68 12.62 1.11 -0.29
CA MET A 68 13.96 1.29 -0.92
C MET A 68 14.33 0.06 -1.73
N ALA A 69 13.90 -1.10 -1.24
CA ALA A 69 14.21 -2.34 -1.96
C ALA A 69 13.49 -2.30 -3.31
N GLN A 70 12.21 -1.94 -3.31
CA GLN A 70 11.44 -1.95 -4.53
C GLN A 70 12.00 -0.94 -5.55
N LYS A 71 12.39 0.24 -5.08
CA LYS A 71 12.78 1.33 -5.99
C LYS A 71 14.23 1.22 -6.44
N ALA A 72 15.07 0.45 -5.76
CA ALA A 72 16.46 0.33 -6.14
C ALA A 72 16.57 -0.24 -7.58
N THR A 73 17.65 0.09 -8.25
CA THR A 73 17.88 -0.39 -9.61
C THR A 73 18.68 -1.69 -9.57
N VAL A 74 19.10 -2.11 -8.39
CA VAL A 74 19.84 -3.35 -8.17
C VAL A 74 18.98 -4.30 -7.33
N PRO A 75 19.32 -5.60 -7.36
CA PRO A 75 18.59 -6.64 -6.57
C PRO A 75 18.75 -6.42 -5.06
N VAL A 76 17.60 -6.29 -4.38
CA VAL A 76 17.57 -6.13 -2.93
C VAL A 76 16.68 -7.23 -2.36
N ILE A 77 17.26 -8.03 -1.47
CA ILE A 77 16.54 -9.08 -0.73
C ILE A 77 16.23 -8.53 0.66
N THR A 78 14.98 -8.66 1.10
CA THR A 78 14.58 -8.25 2.42
C THR A 78 14.48 -9.47 3.31
N HIS A 79 15.33 -9.51 4.33
CA HIS A 79 15.57 -10.74 5.07
C HIS A 79 15.36 -10.56 6.57
N TRP A 80 14.71 -11.54 7.18
CA TRP A 80 14.58 -11.62 8.63
C TRP A 80 15.63 -12.59 9.19
N ASP A 81 16.53 -12.07 9.99
CA ASP A 81 17.63 -12.85 10.52
C ASP A 81 17.23 -13.51 11.84
N HIS A 82 17.87 -14.65 12.07
CA HIS A 82 17.85 -15.33 13.36
C HIS A 82 16.42 -15.46 13.92
N GLY A 83 15.49 -15.95 13.11
CA GLY A 83 14.13 -16.10 13.52
C GLY A 83 13.95 -17.24 14.49
N ARG A 84 13.61 -16.92 15.75
CA ARG A 84 13.59 -17.96 16.78
C ARG A 84 12.16 -18.43 17.05
N SER A 85 11.23 -18.06 16.18
CA SER A 85 9.84 -18.51 16.31
C SER A 85 9.15 -18.44 14.93
N MET A 86 8.13 -19.26 14.74
CA MET A 86 7.23 -19.08 13.60
C MET A 86 6.58 -17.70 13.68
N GLU A 87 6.19 -17.25 14.88
CA GLU A 87 5.44 -16.00 15.03
C GLU A 87 6.29 -14.83 14.50
N ILE A 88 7.57 -14.78 14.85
CA ILE A 88 8.41 -13.65 14.44
C ILE A 88 8.68 -13.67 12.94
N ILE A 89 8.86 -14.82 12.32
CA ILE A 89 9.12 -14.82 10.90
C ILE A 89 7.80 -14.63 10.14
N HIS A 90 6.67 -15.07 10.70
CA HIS A 90 5.39 -14.77 10.05
C HIS A 90 5.14 -13.26 10.06
N ASN A 91 5.43 -12.62 11.19
CA ASN A 91 5.35 -11.16 11.28
C ASN A 91 6.26 -10.48 10.25
N ALA A 92 7.44 -11.04 10.07
CA ALA A 92 8.38 -10.52 9.09
C ALA A 92 7.79 -10.60 7.66
N TRP A 93 7.24 -11.74 7.31
CA TRP A 93 6.70 -11.95 6.01
C TRP A 93 5.53 -10.99 5.76
N THR A 94 4.67 -10.80 6.73
CA THR A 94 3.51 -9.90 6.51
C THR A 94 3.98 -8.44 6.42
N HIS A 95 5.18 -8.13 6.86
CA HIS A 95 5.73 -6.78 6.73
C HIS A 95 6.72 -6.68 5.58
N GLY A 96 6.74 -7.62 4.66
CA GLY A 96 7.44 -7.43 3.40
C GLY A 96 8.83 -8.04 3.33
N MET A 97 9.24 -8.82 4.32
CA MET A 97 10.51 -9.55 4.17
C MET A 97 10.25 -10.72 3.21
N ASN A 98 11.08 -10.88 2.20
CA ASN A 98 10.86 -11.94 1.20
C ASN A 98 11.89 -13.05 1.34
N SER A 99 12.60 -13.10 2.45
CA SER A 99 13.53 -14.18 2.75
C SER A 99 13.56 -14.33 4.28
N LEU A 100 13.56 -15.53 4.82
CA LEU A 100 13.49 -15.73 6.25
C LEU A 100 14.62 -16.68 6.71
N MET A 101 15.18 -16.42 7.86
CA MET A 101 15.96 -17.44 8.57
C MET A 101 15.17 -18.01 9.75
N ARG A 102 14.97 -19.35 9.78
CA ARG A 102 14.45 -20.02 10.93
C ARG A 102 15.62 -20.65 11.67
N ASP A 103 16.02 -20.04 12.76
CA ASP A 103 17.22 -20.46 13.50
C ASP A 103 16.79 -21.28 14.72
N ALA A 104 16.87 -22.59 14.56
CA ALA A 104 16.51 -23.51 15.63
C ALA A 104 17.79 -24.27 16.04
N SER A 105 18.93 -23.63 15.79
CA SER A 105 20.24 -24.21 16.02
C SER A 105 20.54 -24.36 17.52
N ALA A 106 19.75 -23.72 18.39
CA ALA A 106 20.02 -23.88 19.85
C ALA A 106 19.57 -25.27 20.30
N PHE A 107 18.74 -25.94 19.50
CA PHE A 107 18.13 -27.20 19.89
C PHE A 107 18.96 -28.38 19.38
N ASP A 108 18.77 -29.54 20.01
CA ASP A 108 19.31 -30.83 19.53
C ASP A 108 18.88 -31.11 18.10
N PHE A 109 19.61 -32.02 17.44
CA PHE A 109 19.45 -32.29 16.03
C PHE A 109 17.98 -32.54 15.64
N GLU A 110 17.30 -33.45 16.32
CA GLU A 110 15.94 -33.79 15.92
C GLU A 110 14.99 -32.59 16.05
N GLU A 111 15.15 -31.81 17.11
CA GLU A 111 14.23 -30.71 17.38
C GLU A 111 14.55 -29.52 16.44
N ASN A 112 15.81 -29.28 16.14
CA ASN A 112 16.22 -28.34 15.06
C ASN A 112 15.56 -28.76 13.74
N ILE A 113 15.66 -30.04 13.37
CA ILE A 113 14.97 -30.48 12.17
C ILE A 113 13.47 -30.18 12.26
N ARG A 114 12.81 -30.57 13.35
CA ARG A 114 11.34 -30.46 13.38
C ARG A 114 10.90 -29.00 13.25
N LEU A 115 11.58 -28.14 14.00
CA LEU A 115 11.26 -26.70 13.99
C LEU A 115 11.59 -26.07 12.64
N THR A 116 12.72 -26.45 12.07
CA THR A 116 13.12 -25.90 10.75
C THR A 116 12.11 -26.34 9.68
N LYS A 117 11.77 -27.63 9.73
CA LYS A 117 10.84 -28.19 8.72
C LYS A 117 9.46 -27.57 8.88
N GLU A 118 9.04 -27.24 10.09
CA GLU A 118 7.82 -26.55 10.31
C GLU A 118 7.80 -25.25 9.51
N ALA A 119 8.89 -24.50 9.58
CA ALA A 119 8.98 -23.23 8.86
C ALA A 119 9.00 -23.45 7.36
N VAL A 120 9.82 -24.39 6.89
CA VAL A 120 9.87 -24.70 5.47
C VAL A 120 8.46 -25.08 4.97
N ASP A 121 7.76 -25.95 5.71
CA ASP A 121 6.50 -26.49 5.23
C ASP A 121 5.42 -25.39 5.22
N PHE A 122 5.53 -24.37 6.09
CA PHE A 122 4.60 -23.22 6.08
C PHE A 122 4.91 -22.24 4.93
N PHE A 123 6.20 -21.96 4.70
CA PHE A 123 6.63 -20.83 3.85
C PHE A 123 6.86 -21.23 2.39
N HIS A 124 7.23 -22.46 2.10
CA HIS A 124 7.44 -22.85 0.71
C HIS A 124 6.14 -22.75 -0.10
N PRO A 125 5.00 -23.15 0.45
CA PRO A 125 3.72 -22.94 -0.30
C PRO A 125 3.44 -21.45 -0.62
N LEU A 126 4.08 -20.55 0.11
CA LEU A 126 3.96 -19.09 -0.04
C LEU A 126 5.11 -18.52 -0.89
N GLY A 127 6.01 -19.35 -1.34
CA GLY A 127 7.13 -18.92 -2.18
C GLY A 127 8.27 -18.27 -1.40
N ILE A 128 8.30 -18.44 -0.08
CA ILE A 128 9.31 -17.77 0.73
C ILE A 128 10.40 -18.78 1.12
N PRO A 129 11.65 -18.41 0.81
CA PRO A 129 12.81 -19.22 1.15
C PRO A 129 13.22 -19.14 2.63
N VAL A 130 13.71 -20.27 3.13
CA VAL A 130 14.06 -20.41 4.56
C VAL A 130 15.53 -20.85 4.65
N GLU A 131 16.35 -20.02 5.27
CA GLU A 131 17.68 -20.31 5.70
C GLU A 131 17.61 -20.99 7.07
N ALA A 132 18.39 -22.07 7.26
CA ALA A 132 18.45 -22.74 8.55
C ALA A 132 19.90 -22.73 9.06
N GLU A 133 20.10 -23.13 10.30
CA GLU A 133 21.44 -23.17 10.85
C GLU A 133 21.67 -24.49 11.55
N LEU A 134 22.83 -25.09 11.32
CA LEU A 134 23.22 -26.28 12.05
C LEU A 134 24.61 -26.00 12.59
N GLY A 135 24.78 -26.09 13.90
CA GLY A 135 25.94 -25.52 14.62
C GLY A 135 25.54 -24.24 15.34
N HIS A 136 26.09 -23.90 16.50
CA HIS A 136 25.71 -22.62 17.11
CA HIS A 136 25.73 -22.64 17.15
C HIS A 136 26.91 -21.67 17.06
N VAL A 137 26.65 -20.44 16.62
CA VAL A 137 27.74 -19.47 16.43
C VAL A 137 27.78 -18.44 17.57
N TYR A 150 29.40 -22.33 21.61
CA TYR A 150 29.85 -22.58 20.25
C TYR A 150 29.81 -24.07 19.94
N HIS A 151 29.44 -24.38 18.71
CA HIS A 151 29.41 -25.74 18.27
C HIS A 151 29.56 -25.79 16.74
N TYR A 152 30.62 -26.47 16.28
CA TYR A 152 30.94 -26.54 14.86
C TYR A 152 29.97 -27.50 14.14
N THR A 153 29.69 -27.21 12.87
CA THR A 153 28.83 -28.08 12.06
C THR A 153 29.48 -29.45 11.79
N ASP A 154 28.74 -30.55 11.94
CA ASP A 154 29.13 -31.87 11.48
C ASP A 154 28.61 -32.16 10.07
N PRO A 155 29.48 -32.48 9.12
CA PRO A 155 29.09 -32.77 7.71
C PRO A 155 28.03 -33.87 7.50
N ASP A 156 28.12 -35.01 8.20
CA ASP A 156 27.10 -36.09 8.00
C ASP A 156 25.74 -35.67 8.57
N GLN A 157 25.79 -34.86 9.63
CA GLN A 157 24.56 -34.33 10.18
C GLN A 157 24.01 -33.37 9.13
N ALA A 158 24.88 -32.61 8.48
CA ALA A 158 24.40 -31.61 7.51
C ALA A 158 23.62 -32.25 6.37
N ALA A 159 24.15 -33.32 5.78
CA ALA A 159 23.48 -34.01 4.70
C ALA A 159 22.03 -34.36 5.07
N GLU A 160 21.88 -34.99 6.23
CA GLU A 160 20.60 -35.50 6.67
C GLU A 160 19.67 -34.31 6.98
N PHE A 161 20.26 -33.29 7.58
CA PHE A 161 19.49 -32.10 8.03
C PHE A 161 18.83 -31.42 6.82
N VAL A 162 19.62 -31.19 5.79
CA VAL A 162 19.08 -30.49 4.62
C VAL A 162 18.07 -31.39 3.91
N GLU A 163 18.36 -32.70 3.87
CA GLU A 163 17.44 -33.61 3.18
C GLU A 163 16.09 -33.64 3.92
N ARG A 164 16.11 -33.69 5.23
CA ARG A 164 14.85 -33.82 5.95
C ARG A 164 14.11 -32.48 6.02
N THR A 165 14.81 -31.36 6.19
CA THR A 165 14.09 -30.08 6.38
C THR A 165 13.59 -29.50 5.07
N GLY A 166 14.38 -29.66 3.99
CA GLY A 166 14.07 -29.01 2.75
C GLY A 166 14.48 -27.54 2.75
N CYS A 167 15.35 -27.15 3.68
CA CYS A 167 15.77 -25.72 3.78
C CYS A 167 16.54 -25.30 2.52
N ASP A 168 16.40 -24.03 2.19
CA ASP A 168 16.94 -23.47 0.96
C ASP A 168 18.44 -23.18 1.06
N SER A 169 18.94 -22.95 2.26
CA SER A 169 20.34 -22.55 2.48
C SER A 169 20.71 -22.92 3.91
N LEU A 170 22.00 -23.10 4.15
CA LEU A 170 22.47 -23.57 5.44
C LEU A 170 23.59 -22.68 5.99
N ALA A 171 23.32 -22.09 7.15
CA ALA A 171 24.30 -21.37 7.94
C ALA A 171 25.16 -22.38 8.69
N VAL A 172 26.48 -22.22 8.56
CA VAL A 172 27.41 -23.19 9.14
C VAL A 172 28.27 -22.52 10.21
N ALA A 173 28.84 -23.36 11.05
CA ALA A 173 29.65 -22.88 12.16
C ALA A 173 31.04 -23.46 11.94
N ILE A 174 31.98 -22.61 11.56
CA ILE A 174 33.33 -23.06 11.18
C ILE A 174 34.39 -22.29 11.97
N GLY A 175 34.00 -21.69 13.08
CA GLY A 175 34.88 -20.90 13.89
C GLY A 175 34.50 -19.44 13.86
N ASN A 176 33.75 -19.05 12.83
CA ASN A 176 33.08 -17.79 12.76
C ASN A 176 32.19 -17.62 14.00
N GLN A 177 32.20 -16.44 14.59
CA GLN A 177 31.45 -16.17 15.81
C GLN A 177 30.87 -14.76 15.77
N HIS A 178 29.60 -14.56 16.15
CA HIS A 178 29.06 -13.19 16.34
C HIS A 178 29.94 -12.40 17.32
N GLN A 186 41.21 -21.45 15.14
CA GLN A 186 39.89 -20.86 15.34
C GLN A 186 38.99 -21.26 14.17
N LEU A 187 39.17 -20.53 13.06
CA LEU A 187 38.48 -20.74 11.80
C LEU A 187 39.00 -22.03 11.15
N ASN A 188 38.08 -22.96 10.92
CA ASN A 188 38.43 -24.29 10.54
C ASN A 188 37.93 -24.55 9.11
N PHE A 189 38.79 -24.32 8.13
CA PHE A 189 38.41 -24.51 6.74
C PHE A 189 38.20 -25.97 6.35
N GLU A 190 38.78 -26.93 7.08
CA GLU A 190 38.50 -28.36 6.83
C GLU A 190 37.00 -28.64 7.00
N VAL A 191 36.41 -27.98 8.00
CA VAL A 191 34.99 -28.17 8.29
C VAL A 191 34.15 -27.69 7.11
N VAL A 192 34.43 -26.51 6.56
CA VAL A 192 33.66 -25.97 5.43
C VAL A 192 33.78 -26.91 4.23
N LYS A 193 35.01 -27.38 4.02
CA LYS A 193 35.31 -28.24 2.90
C LYS A 193 34.44 -29.51 2.97
N ARG A 194 34.34 -30.11 4.15
CA ARG A 194 33.59 -31.38 4.31
C ARG A 194 32.09 -31.11 4.18
N VAL A 195 31.61 -30.00 4.76
CA VAL A 195 30.18 -29.66 4.65
C VAL A 195 29.82 -29.41 3.18
N ARG A 196 30.70 -28.76 2.43
CA ARG A 196 30.42 -28.46 1.01
C ARG A 196 30.22 -29.77 0.23
N ASP A 197 30.96 -30.81 0.61
CA ASP A 197 30.81 -32.09 -0.11
C ASP A 197 29.63 -32.91 0.43
N ALA A 198 28.99 -32.49 1.53
CA ALA A 198 27.88 -33.24 2.12
C ALA A 198 26.52 -32.66 1.69
N VAL A 199 26.48 -31.38 1.32
CA VAL A 199 25.22 -30.79 0.89
C VAL A 199 25.45 -29.94 -0.36
N SER A 200 24.38 -29.75 -1.10
CA SER A 200 24.46 -29.00 -2.34
C SER A 200 23.82 -27.62 -2.23
N VAL A 201 23.11 -27.31 -1.15
CA VAL A 201 22.45 -25.98 -1.02
C VAL A 201 23.52 -24.91 -0.77
N PRO A 202 23.16 -23.65 -1.01
CA PRO A 202 24.13 -22.59 -0.72
C PRO A 202 24.48 -22.53 0.78
N LEU A 203 25.74 -22.24 1.04
CA LEU A 203 26.27 -22.13 2.41
C LEU A 203 26.43 -20.67 2.83
N VAL A 204 26.09 -20.39 4.09
CA VAL A 204 26.00 -19.07 4.68
C VAL A 204 26.95 -18.98 5.87
N LEU A 205 27.65 -17.86 5.95
CA LEU A 205 28.62 -17.56 7.04
C LEU A 205 28.14 -16.37 7.85
N HIS A 206 27.77 -16.66 9.09
CA HIS A 206 27.38 -15.67 10.07
C HIS A 206 28.62 -15.16 10.83
N GLY A 207 28.55 -13.94 11.31
CA GLY A 207 29.60 -13.42 12.24
C GLY A 207 30.93 -13.26 11.52
N ALA A 208 30.87 -12.71 10.33
CA ALA A 208 32.08 -12.60 9.50
C ALA A 208 32.77 -11.24 9.69
N SER A 209 32.19 -10.36 10.52
CA SER A 209 32.90 -9.16 10.92
C SER A 209 34.18 -9.58 11.65
N GLY A 210 35.34 -9.09 11.20
CA GLY A 210 36.62 -9.35 11.91
C GLY A 210 37.36 -10.61 11.44
N ILE A 211 36.81 -11.36 10.50
CA ILE A 211 37.60 -12.33 9.73
C ILE A 211 38.44 -11.56 8.72
N SER A 212 39.69 -11.98 8.52
CA SER A 212 40.64 -11.30 7.63
C SER A 212 40.23 -11.41 6.17
N ASP A 213 40.64 -10.44 5.35
CA ASP A 213 40.31 -10.45 3.92
C ASP A 213 40.76 -11.78 3.29
N ALA A 214 41.95 -12.25 3.62
CA ALA A 214 42.42 -13.47 2.97
C ALA A 214 41.55 -14.68 3.36
N ASP A 215 41.15 -14.73 4.62
CA ASP A 215 40.33 -15.86 5.10
C ASP A 215 38.92 -15.82 4.48
N ILE A 216 38.37 -14.61 4.28
CA ILE A 216 37.08 -14.48 3.57
C ILE A 216 37.20 -15.02 2.14
N LYS A 217 38.27 -14.68 1.41
CA LYS A 217 38.44 -15.17 0.04
C LYS A 217 38.55 -16.69 0.04
N THR A 218 39.26 -17.24 1.04
CA THR A 218 39.36 -18.68 1.16
C THR A 218 37.97 -19.28 1.38
N ALA A 219 37.24 -18.74 2.34
CA ALA A 219 35.89 -19.30 2.65
C ALA A 219 35.00 -19.27 1.39
N ILE A 220 35.07 -18.19 0.61
CA ILE A 220 34.26 -18.07 -0.59
C ILE A 220 34.72 -19.10 -1.61
N SER A 221 36.04 -19.35 -1.67
CA SER A 221 36.52 -20.30 -2.71
C SER A 221 36.10 -21.74 -2.34
N LEU A 222 35.81 -21.98 -1.07
CA LEU A 222 35.40 -23.34 -0.62
C LEU A 222 33.87 -23.51 -0.60
N GLY A 223 33.12 -22.46 -0.97
CA GLY A 223 31.69 -22.55 -1.26
C GLY A 223 30.79 -21.66 -0.38
N ILE A 224 31.32 -20.78 0.46
CA ILE A 224 30.46 -19.79 1.12
C ILE A 224 29.88 -18.84 0.06
N ALA A 225 28.56 -18.65 0.07
CA ALA A 225 27.84 -17.88 -0.97
C ALA A 225 27.07 -16.69 -0.36
N LYS A 226 27.00 -16.56 0.96
CA LYS A 226 26.37 -15.41 1.60
C LYS A 226 27.11 -15.17 2.91
N ILE A 227 27.42 -13.90 3.18
CA ILE A 227 28.22 -13.54 4.36
C ILE A 227 27.53 -12.39 5.07
N ASN A 228 27.15 -12.68 6.30
CA ASN A 228 26.43 -11.78 7.17
C ASN A 228 27.47 -10.87 7.84
N ILE A 229 27.34 -9.58 7.57
CA ILE A 229 28.09 -8.49 8.20
C ILE A 229 27.14 -7.76 9.17
N HIS A 230 27.39 -7.90 10.45
CA HIS A 230 26.64 -7.10 11.42
C HIS A 230 27.55 -5.99 11.96
N THR A 231 28.41 -6.41 12.86
CA THR A 231 29.05 -5.43 13.70
C THR A 231 29.81 -4.42 12.85
N GLU A 232 30.32 -4.79 11.66
CA GLU A 232 31.22 -3.89 10.99
C GLU A 232 30.49 -2.60 10.56
N LEU A 233 29.21 -2.65 10.21
CA LEU A 233 28.53 -1.37 9.91
C LEU A 233 28.40 -0.52 11.17
N OCS A 234 28.09 -1.16 12.30
CA OCS A 234 28.00 -0.45 13.56
CB OCS A 234 27.54 -1.34 14.70
SG OCS A 234 26.03 -2.05 14.50
C OCS A 234 29.35 0.19 13.85
O OCS A 234 29.43 1.37 14.26
OD1 OCS A 234 24.95 -0.96 14.18
OD2 OCS A 234 26.06 -2.99 13.41
OD3 OCS A 234 25.77 -2.80 15.71
N GLN A 235 30.45 -0.53 13.60
CA GLN A 235 31.80 -0.01 13.85
C GLN A 235 32.11 1.19 12.95
N ALA A 236 31.79 1.10 11.65
CA ALA A 236 32.01 2.15 10.71
C ALA A 236 31.21 3.38 11.13
N ALA A 237 29.96 3.18 11.57
CA ALA A 237 29.13 4.30 12.04
C ALA A 237 29.82 4.99 13.24
N MET A 238 30.33 4.20 14.18
CA MET A 238 30.87 4.79 15.40
C MET A 238 32.18 5.53 15.11
N VAL A 239 32.93 5.13 14.07
CA VAL A 239 34.09 5.88 13.64
C VAL A 239 33.64 7.28 13.21
N ALA A 240 32.60 7.36 12.37
CA ALA A 240 32.07 8.65 11.94
C ALA A 240 31.57 9.43 13.17
N VAL A 241 30.94 8.77 14.14
CA VAL A 241 30.47 9.46 15.33
C VAL A 241 31.64 10.14 16.06
N LYS A 242 32.72 9.37 16.28
CA LYS A 242 33.85 9.89 17.03
C LYS A 242 34.49 11.05 16.24
N GLU A 243 34.52 10.97 14.92
CA GLU A 243 35.09 11.99 14.07
C GLU A 243 34.19 13.23 14.02
N ASN A 244 32.92 13.13 14.41
CA ASN A 244 31.91 14.20 14.16
C ASN A 244 31.23 14.56 15.48
N GLN A 245 31.84 14.24 16.61
CA GLN A 245 31.12 14.37 17.88
C GLN A 245 30.93 15.85 18.26
N ASP A 246 31.59 16.80 17.57
CA ASP A 246 31.36 18.21 17.91
C ASP A 246 30.64 18.92 16.74
N GLN A 247 29.98 18.15 15.88
CA GLN A 247 29.42 18.66 14.64
C GLN A 247 27.90 18.82 14.80
N PRO A 248 27.27 19.56 13.89
CA PRO A 248 25.79 19.58 13.91
C PRO A 248 25.19 18.20 13.61
N PHE A 249 24.05 17.89 14.23
CA PHE A 249 23.47 16.55 14.09
C PHE A 249 23.23 16.18 12.63
N LEU A 250 22.73 17.12 11.81
CA LEU A 250 22.47 16.82 10.40
C LEU A 250 23.76 16.37 9.71
N HIS A 251 24.86 17.07 9.99
CA HIS A 251 26.15 16.72 9.36
C HIS A 251 26.61 15.37 9.89
N LEU A 252 26.56 15.17 11.19
CA LEU A 252 27.00 13.89 11.77
C LEU A 252 26.29 12.73 11.06
N GLU A 253 24.97 12.88 10.86
CA GLU A 253 24.17 11.80 10.23
C GLU A 253 24.52 11.64 8.75
N ARG A 254 24.89 12.72 8.01
CA ARG A 254 25.37 12.53 6.65
CA ARG A 254 25.38 12.56 6.66
C ARG A 254 26.67 11.71 6.68
N GLU A 255 27.49 11.95 7.70
CA GLU A 255 28.80 11.28 7.75
C GLU A 255 28.63 9.81 8.15
N VAL A 256 27.64 9.52 8.97
CA VAL A 256 27.30 8.12 9.31
C VAL A 256 26.85 7.37 8.07
N ARG A 257 25.95 7.97 7.30
CA ARG A 257 25.50 7.29 6.10
C ARG A 257 26.67 7.03 5.14
N LYS A 258 27.53 8.03 4.99
CA LYS A 258 28.68 7.92 4.09
C LYS A 258 29.65 6.83 4.59
N ALA A 259 29.82 6.76 5.89
CA ALA A 259 30.73 5.76 6.46
C ALA A 259 30.14 4.37 6.30
N VAL A 260 28.82 4.27 6.46
CA VAL A 260 28.20 2.94 6.22
C VAL A 260 28.36 2.57 4.74
N LYS A 261 28.09 3.49 3.82
CA LYS A 261 28.28 3.21 2.40
C LYS A 261 29.70 2.72 2.10
N GLU A 262 30.71 3.39 2.64
CA GLU A 262 32.10 3.03 2.29
C GLU A 262 32.41 1.64 2.86
N ARG A 263 31.96 1.33 4.05
CA ARG A 263 32.24 -0.01 4.61
C ARG A 263 31.48 -1.10 3.83
N ALA A 264 30.24 -0.82 3.41
CA ALA A 264 29.45 -1.79 2.63
C ALA A 264 30.12 -2.00 1.25
N LEU A 265 30.65 -0.93 0.67
CA LEU A 265 31.30 -1.02 -0.60
C LEU A 265 32.52 -1.93 -0.52
N GLU A 266 33.26 -1.76 0.55
CA GLU A 266 34.49 -2.54 0.82
C GLU A 266 34.15 -4.04 0.85
N LYS A 267 33.11 -4.37 1.60
CA LYS A 267 32.64 -5.79 1.77
C LYS A 267 32.13 -6.33 0.42
N ILE A 268 31.34 -5.54 -0.32
CA ILE A 268 30.83 -5.96 -1.60
C ILE A 268 31.98 -6.28 -2.56
N LYS A 269 32.97 -5.42 -2.61
CA LYS A 269 34.11 -5.71 -3.48
C LYS A 269 34.91 -6.92 -2.97
N LEU A 270 35.16 -7.03 -1.68
CA LEU A 270 35.88 -8.19 -1.09
C LEU A 270 35.17 -9.49 -1.48
N PHE A 271 33.85 -9.47 -1.43
CA PHE A 271 33.08 -10.70 -1.63
C PHE A 271 32.93 -11.04 -3.11
N GLY A 272 33.27 -10.12 -4.03
CA GLY A 272 33.22 -10.38 -5.47
C GLY A 272 31.86 -10.12 -6.10
N SER A 273 30.92 -9.47 -5.38
CA SER A 273 29.55 -9.28 -5.91
C SER A 273 29.45 -7.98 -6.71
N ASP A 274 30.49 -7.16 -6.71
CA ASP A 274 30.44 -5.91 -7.53
C ASP A 274 30.30 -6.28 -9.01
N GLY A 275 29.40 -5.62 -9.71
CA GLY A 275 29.14 -5.91 -11.11
C GLY A 275 28.16 -7.04 -11.36
N LYS A 276 27.83 -7.84 -10.34
CA LYS A 276 27.12 -9.06 -10.61
C LYS A 276 25.64 -8.81 -10.86
N ALA A 277 25.13 -7.59 -10.64
CA ALA A 277 23.71 -7.32 -10.87
C ALA A 277 23.37 -7.30 -12.37
N GLU A 278 24.35 -7.04 -13.21
CA GLU A 278 24.03 -6.92 -14.67
C GLU A 278 23.98 -8.31 -15.32
N MET B 1 -3.05 8.40 15.22
CA MET B 1 -3.95 8.41 14.05
C MET B 1 -3.62 9.67 13.24
N LEU B 2 -3.72 9.60 11.96
CA LEU B 2 -3.53 10.76 11.09
C LEU B 2 -4.60 11.80 11.38
N ALA B 3 -4.13 13.00 11.69
CA ALA B 3 -4.97 14.05 12.24
C ALA B 3 -5.03 15.27 11.34
N ASP B 4 -6.13 16.03 11.47
CA ASP B 4 -6.32 17.21 10.69
C ASP B 4 -5.79 18.44 11.45
N ILE B 5 -4.85 19.15 10.87
CA ILE B 5 -4.24 20.30 11.54
C ILE B 5 -5.26 21.44 11.68
N ARG B 6 -6.29 21.50 10.85
CA ARG B 6 -7.32 22.59 11.01
C ARG B 6 -8.10 22.37 12.30
N TYR B 7 -8.56 21.15 12.52
CA TYR B 7 -9.28 20.84 13.74
C TYR B 7 -8.39 21.15 14.95
N TRP B 8 -7.14 20.69 14.92
CA TRP B 8 -6.30 20.74 16.12
C TRP B 8 -5.81 22.16 16.41
N GLU B 9 -5.51 22.94 15.36
CA GLU B 9 -5.11 24.35 15.57
C GLU B 9 -6.32 25.17 16.05
N ASN B 10 -7.51 24.78 15.62
CA ASN B 10 -8.75 25.37 16.16
C ASN B 10 -8.90 25.08 17.64
N ASP B 11 -8.69 23.82 18.02
CA ASP B 11 -8.75 23.39 19.41
C ASP B 11 -7.74 24.16 20.25
N ALA B 12 -6.51 24.28 19.74
CA ALA B 12 -5.43 24.96 20.44
C ALA B 12 -5.78 26.44 20.63
N THR B 13 -6.24 27.07 19.57
CA THR B 13 -6.71 28.47 19.63
C THR B 13 -7.76 28.62 20.72
N ASN B 14 -8.74 27.73 20.74
CA ASN B 14 -9.91 27.90 21.59
C ASN B 14 -9.56 27.57 23.04
N LYS B 15 -8.65 26.65 23.27
CA LYS B 15 -8.28 26.25 24.63
C LYS B 15 -6.97 26.93 25.07
N HIS B 16 -6.40 27.81 24.24
CA HIS B 16 -5.19 28.55 24.61
C HIS B 16 -3.99 27.65 24.93
N TYR B 17 -3.72 26.73 24.01
CA TYR B 17 -2.46 26.03 24.04
C TYR B 17 -1.83 26.10 22.65
N ALA B 18 -0.65 25.52 22.47
CA ALA B 18 -0.08 25.48 21.14
C ALA B 18 0.39 24.06 20.84
N ILE B 19 0.31 23.74 19.55
CA ILE B 19 0.81 22.44 19.08
C ILE B 19 2.27 22.59 18.70
N ALA B 20 3.12 21.65 19.17
CA ALA B 20 4.49 21.58 18.77
C ALA B 20 4.63 20.95 17.39
N HIS B 21 5.43 21.61 16.59
CA HIS B 21 5.85 21.12 15.30
C HIS B 21 7.31 20.70 15.42
N PHE B 22 7.56 19.43 15.14
CA PHE B 22 8.92 18.90 15.21
C PHE B 22 9.35 18.47 13.81
N ASN B 23 10.52 18.96 13.41
CA ASN B 23 11.16 18.51 12.18
C ASN B 23 11.87 17.18 12.44
N VAL B 24 11.44 16.14 11.75
CA VAL B 24 12.01 14.80 11.95
C VAL B 24 12.46 14.24 10.60
N TRP B 25 13.67 13.71 10.55
CA TRP B 25 14.24 13.30 9.28
C TRP B 25 15.02 11.99 9.44
N ASN B 26 14.89 11.33 10.58
CA ASN B 26 15.40 9.97 10.67
C ASN B 26 14.60 9.18 11.70
N ALA B 27 14.99 7.91 11.88
CA ALA B 27 14.13 6.99 12.62
C ALA B 27 14.08 7.36 14.10
N GLU B 28 15.25 7.62 14.70
CA GLU B 28 15.28 7.95 16.11
C GLU B 28 14.55 9.27 16.39
N MET B 29 14.66 10.28 15.52
CA MET B 29 13.93 11.55 15.79
C MET B 29 12.42 11.28 15.73
N LEU B 30 11.97 10.56 14.70
CA LEU B 30 10.56 10.27 14.55
C LEU B 30 10.05 9.47 15.76
N MET B 31 10.77 8.43 16.17
CA MET B 31 10.32 7.58 17.24
C MET B 31 10.28 8.33 18.57
N GLY B 32 11.29 9.17 18.82
CA GLY B 32 11.37 9.92 20.02
C GLY B 32 10.22 10.89 20.15
N VAL B 33 9.86 11.54 19.04
CA VAL B 33 8.71 12.47 19.03
C VAL B 33 7.41 11.72 19.28
N ILE B 34 7.22 10.60 18.64
CA ILE B 34 5.99 9.86 18.84
C ILE B 34 5.95 9.35 20.28
N ASP B 35 7.09 8.85 20.81
CA ASP B 35 7.16 8.44 22.25
C ASP B 35 6.64 9.58 23.15
N ALA B 36 7.12 10.80 22.93
CA ALA B 36 6.74 11.97 23.73
C ALA B 36 5.24 12.27 23.62
N ALA B 37 4.73 12.29 22.40
CA ALA B 37 3.35 12.64 22.21
C ALA B 37 2.43 11.57 22.83
N GLU B 38 2.82 10.28 22.76
CA GLU B 38 2.02 9.21 23.41
C GLU B 38 2.05 9.37 24.94
N GLU B 39 3.22 9.62 25.48
CA GLU B 39 3.36 9.73 26.93
C GLU B 39 2.56 10.94 27.45
N ALA B 40 2.60 12.06 26.74
CA ALA B 40 1.91 13.29 27.14
C ALA B 40 0.43 13.34 26.75
N LYS B 41 -0.06 12.37 25.96
CA LYS B 41 -1.42 12.34 25.44
C LYS B 41 -1.74 13.65 24.69
N SER B 42 -0.86 13.97 23.76
CA SER B 42 -0.80 15.24 23.08
C SER B 42 -0.95 15.04 21.56
N PRO B 43 -1.70 15.93 20.91
CA PRO B 43 -1.52 16.08 19.47
C PRO B 43 -0.09 16.49 19.12
N VAL B 44 0.37 16.15 17.92
CA VAL B 44 1.70 16.59 17.53
C VAL B 44 1.79 16.69 16.01
N ILE B 45 2.67 17.56 15.55
CA ILE B 45 3.03 17.68 14.12
C ILE B 45 4.44 17.12 13.90
N ILE B 46 4.56 16.22 12.93
CA ILE B 46 5.85 15.77 12.47
C ILE B 46 6.03 16.29 11.06
N SER B 47 7.19 16.88 10.82
CA SER B 47 7.43 17.61 9.60
C SER B 47 8.74 17.19 8.94
N PHE B 48 8.71 17.22 7.61
CA PHE B 48 9.91 17.11 6.78
C PHE B 48 9.99 18.34 5.88
N GLY B 49 11.15 18.61 5.35
CA GLY B 49 11.29 19.73 4.45
C GLY B 49 12.48 19.57 3.55
N THR B 50 12.67 20.50 2.61
CA THR B 50 13.71 20.36 1.59
C THR B 50 15.11 20.33 2.23
N GLY B 51 15.30 21.03 3.36
CA GLY B 51 16.61 21.07 4.05
C GLY B 51 17.11 19.69 4.49
N PHE B 52 16.26 18.67 4.44
CA PHE B 52 16.67 17.32 4.94
C PHE B 52 16.85 16.31 3.81
N VAL B 53 16.58 16.70 2.56
CA VAL B 53 16.58 15.77 1.42
C VAL B 53 18.00 15.29 1.15
N GLY B 54 19.00 16.10 1.49
CA GLY B 54 20.42 15.68 1.37
C GLY B 54 20.82 14.63 2.40
N ASN B 55 20.06 14.54 3.47
CA ASN B 55 20.29 13.55 4.52
C ASN B 55 19.51 12.25 4.27
N THR B 56 18.23 12.40 3.93
CA THR B 56 17.29 11.29 4.04
C THR B 56 16.39 11.27 2.82
N SER B 57 16.21 10.09 2.23
CA SER B 57 15.26 9.91 1.12
C SER B 57 13.83 10.11 1.63
N PHE B 58 13.27 11.27 1.36
CA PHE B 58 11.90 11.56 1.79
C PHE B 58 10.92 10.53 1.22
N GLU B 59 11.12 10.15 -0.02
CA GLU B 59 10.13 9.34 -0.70
C GLU B 59 10.06 7.97 -0.03
N ASP B 60 11.15 7.53 0.60
CA ASP B 60 11.15 6.26 1.34
C ASP B 60 10.80 6.45 2.83
N PHE B 61 11.43 7.43 3.47
CA PHE B 61 11.20 7.73 4.88
C PHE B 61 9.76 8.14 5.19
N SER B 62 9.08 8.76 4.22
CA SER B 62 7.71 9.14 4.39
C SER B 62 6.83 7.94 4.76
N HIS B 63 7.13 6.76 4.21
CA HIS B 63 6.35 5.54 4.56
C HIS B 63 6.40 5.26 6.07
N MET B 64 7.54 5.49 6.69
CA MET B 64 7.69 5.26 8.10
C MET B 64 6.98 6.36 8.89
N MET B 65 7.06 7.63 8.43
CA MET B 65 6.30 8.70 9.06
C MET B 65 4.80 8.38 9.08
N VAL B 66 4.26 7.96 7.93
CA VAL B 66 2.85 7.73 7.78
C VAL B 66 2.40 6.53 8.61
N SER B 67 3.19 5.46 8.56
CA SER B 67 2.90 4.27 9.35
C SER B 67 2.82 4.63 10.83
N MET B 68 3.83 5.33 11.35
CA MET B 68 3.80 5.66 12.76
C MET B 68 2.64 6.61 13.08
N ALA B 69 2.31 7.53 12.17
CA ALA B 69 1.22 8.48 12.43
C ALA B 69 -0.10 7.70 12.55
N GLN B 70 -0.29 6.78 11.64
CA GLN B 70 -1.49 5.96 11.59
C GLN B 70 -1.65 5.12 12.84
N LYS B 71 -0.55 4.50 13.29
CA LYS B 71 -0.63 3.54 14.35
C LYS B 71 -0.67 4.22 15.72
N ALA B 72 -0.24 5.48 15.85
CA ALA B 72 -0.21 6.16 17.13
C ALA B 72 -1.62 6.25 17.71
N THR B 73 -1.67 6.27 19.03
CA THR B 73 -2.93 6.38 19.77
C THR B 73 -3.28 7.86 19.98
N VAL B 74 -2.40 8.76 19.54
CA VAL B 74 -2.62 10.19 19.66
C VAL B 74 -2.67 10.81 18.27
N PRO B 75 -3.16 12.04 18.19
CA PRO B 75 -3.23 12.73 16.92
C PRO B 75 -1.86 13.10 16.35
N VAL B 76 -1.59 12.64 15.13
CA VAL B 76 -0.29 12.97 14.48
C VAL B 76 -0.60 13.60 13.12
N ILE B 77 -0.07 14.81 12.92
CA ILE B 77 -0.19 15.55 11.66
C ILE B 77 1.09 15.38 10.87
N THR B 78 1.00 14.98 9.62
CA THR B 78 2.16 14.84 8.79
C THR B 78 2.26 16.07 7.90
N HIS B 79 3.35 16.80 8.06
CA HIS B 79 3.43 18.17 7.51
C HIS B 79 4.67 18.36 6.62
N TRP B 80 4.55 19.13 5.55
CA TRP B 80 5.69 19.55 4.73
C TRP B 80 6.00 21.01 5.02
N ASP B 81 7.13 21.28 5.61
CA ASP B 81 7.49 22.61 6.04
C ASP B 81 8.14 23.45 4.91
N HIS B 82 7.93 24.76 4.95
CA HIS B 82 8.68 25.72 4.07
C HIS B 82 8.67 25.31 2.60
N GLY B 83 7.49 24.96 2.09
CA GLY B 83 7.40 24.46 0.76
C GLY B 83 7.82 25.51 -0.26
N ARG B 84 8.77 25.16 -1.13
CA ARG B 84 9.42 26.12 -2.01
C ARG B 84 8.79 26.10 -3.42
N SER B 85 7.95 25.13 -3.73
CA SER B 85 7.39 25.03 -5.06
C SER B 85 6.15 24.14 -5.04
N MET B 86 5.32 24.29 -6.06
CA MET B 86 4.14 23.47 -6.18
C MET B 86 4.51 21.99 -6.33
N GLU B 87 5.52 21.68 -7.13
CA GLU B 87 5.90 20.27 -7.31
C GLU B 87 6.39 19.66 -5.98
N ILE B 88 7.15 20.43 -5.22
CA ILE B 88 7.67 19.93 -3.93
C ILE B 88 6.50 19.60 -3.00
N ILE B 89 5.51 20.48 -2.91
CA ILE B 89 4.38 20.21 -2.00
C ILE B 89 3.43 19.17 -2.58
N HIS B 90 3.29 19.10 -3.89
CA HIS B 90 2.56 18.01 -4.50
C HIS B 90 3.20 16.65 -4.21
N ASN B 91 4.53 16.59 -4.30
CA ASN B 91 5.31 15.35 -3.98
C ASN B 91 5.10 15.00 -2.49
N ALA B 92 5.02 16.03 -1.62
CA ALA B 92 4.74 15.76 -0.21
C ALA B 92 3.36 15.11 -0.05
N TRP B 93 2.35 15.67 -0.71
CA TRP B 93 0.99 15.15 -0.66
C TRP B 93 0.92 13.71 -1.19
N THR B 94 1.57 13.43 -2.32
CA THR B 94 1.45 12.08 -2.86
C THR B 94 2.13 11.06 -1.95
N HIS B 95 3.03 11.52 -1.08
CA HIS B 95 3.75 10.64 -0.15
C HIS B 95 3.16 10.69 1.26
N GLY B 96 1.93 11.21 1.39
CA GLY B 96 1.14 11.05 2.63
C GLY B 96 1.30 12.17 3.64
N MET B 97 1.90 13.30 3.26
CA MET B 97 1.79 14.47 4.12
C MET B 97 0.35 15.02 4.00
N ASN B 98 -0.33 15.18 5.13
CA ASN B 98 -1.72 15.65 5.11
C ASN B 98 -1.85 17.13 5.48
N SER B 99 -0.74 17.85 5.57
CA SER B 99 -0.74 19.27 5.89
C SER B 99 0.46 19.88 5.17
N LEU B 100 0.28 21.00 4.50
CA LEU B 100 1.35 21.58 3.70
C LEU B 100 1.58 23.03 4.10
N MET B 101 2.81 23.48 3.91
CA MET B 101 3.14 24.88 4.07
C MET B 101 3.76 25.37 2.78
N ARG B 102 3.25 26.50 2.26
CA ARG B 102 3.79 27.12 1.08
C ARG B 102 4.41 28.44 1.53
N ASP B 103 5.73 28.54 1.42
CA ASP B 103 6.41 29.72 1.95
C ASP B 103 6.82 30.61 0.78
N ALA B 104 6.04 31.66 0.52
CA ALA B 104 6.36 32.58 -0.52
C ALA B 104 6.66 33.97 0.09
N SER B 105 7.10 33.99 1.36
CA SER B 105 7.29 35.22 2.12
C SER B 105 8.55 35.97 1.66
N ALA B 106 9.40 35.37 0.84
CA ALA B 106 10.61 36.07 0.35
C ALA B 106 10.23 37.03 -0.82
N PHE B 107 9.02 36.86 -1.33
CA PHE B 107 8.57 37.59 -2.50
C PHE B 107 7.76 38.82 -2.07
N ASP B 108 7.61 39.76 -3.01
CA ASP B 108 6.78 40.91 -2.82
C ASP B 108 5.37 40.47 -2.41
N PHE B 109 4.62 41.37 -1.77
CA PHE B 109 3.32 41.01 -1.19
C PHE B 109 2.40 40.40 -2.23
N GLU B 110 2.26 41.03 -3.41
CA GLU B 110 1.33 40.52 -4.41
C GLU B 110 1.76 39.13 -4.91
N GLU B 111 3.06 38.87 -4.98
CA GLU B 111 3.55 37.59 -5.53
C GLU B 111 3.42 36.52 -4.44
N ASN B 112 3.64 36.89 -3.18
CA ASN B 112 3.34 36.01 -2.05
C ASN B 112 1.86 35.58 -2.07
N ILE B 113 0.93 36.54 -2.23
CA ILE B 113 -0.47 36.20 -2.38
C ILE B 113 -0.65 35.21 -3.55
N ARG B 114 -0.09 35.52 -4.71
CA ARG B 114 -0.39 34.73 -5.92
C ARG B 114 0.09 33.28 -5.72
N LEU B 115 1.29 33.15 -5.18
CA LEU B 115 1.89 31.81 -5.07
C LEU B 115 1.19 31.04 -3.94
N THR B 116 0.84 31.72 -2.87
CA THR B 116 0.12 31.08 -1.80
C THR B 116 -1.27 30.61 -2.25
N LYS B 117 -1.99 31.51 -2.92
CA LYS B 117 -3.34 31.20 -3.46
C LYS B 117 -3.30 30.06 -4.48
N GLU B 118 -2.26 29.99 -5.29
CA GLU B 118 -2.08 28.90 -6.21
C GLU B 118 -2.10 27.58 -5.44
N ALA B 119 -1.31 27.52 -4.36
CA ALA B 119 -1.26 26.30 -3.57
C ALA B 119 -2.63 26.03 -2.96
N VAL B 120 -3.30 27.02 -2.37
CA VAL B 120 -4.62 26.81 -1.75
C VAL B 120 -5.61 26.28 -2.80
N ASP B 121 -5.59 26.87 -3.98
CA ASP B 121 -6.62 26.56 -4.98
C ASP B 121 -6.42 25.13 -5.50
N PHE B 122 -5.17 24.66 -5.54
CA PHE B 122 -4.88 23.30 -5.97
C PHE B 122 -5.29 22.29 -4.87
N PHE B 123 -4.98 22.60 -3.62
CA PHE B 123 -5.08 21.60 -2.54
C PHE B 123 -6.42 21.59 -1.80
N HIS B 124 -7.15 22.72 -1.75
CA HIS B 124 -8.41 22.71 -1.03
C HIS B 124 -9.40 21.70 -1.65
N PRO B 125 -9.38 21.58 -2.96
CA PRO B 125 -10.27 20.57 -3.61
C PRO B 125 -9.93 19.12 -3.22
N LEU B 126 -8.70 18.93 -2.72
CA LEU B 126 -8.21 17.62 -2.27
C LEU B 126 -8.34 17.48 -0.74
N GLY B 127 -8.86 18.50 -0.08
CA GLY B 127 -9.02 18.44 1.36
C GLY B 127 -7.74 18.75 2.14
N ILE B 128 -6.74 19.31 1.48
CA ILE B 128 -5.44 19.47 2.13
C ILE B 128 -5.25 20.95 2.53
N PRO B 129 -4.95 21.19 3.82
CA PRO B 129 -4.72 22.57 4.26
C PRO B 129 -3.34 23.12 3.93
N VAL B 130 -3.24 24.45 3.84
CA VAL B 130 -2.03 25.15 3.44
C VAL B 130 -1.75 26.26 4.46
N GLU B 131 -0.62 26.14 5.14
CA GLU B 131 -0.06 27.17 6.01
C GLU B 131 0.77 28.12 5.13
N ALA B 132 0.65 29.40 5.39
CA ALA B 132 1.40 30.41 4.63
C ALA B 132 2.18 31.33 5.57
N GLU B 133 2.97 32.25 5.00
CA GLU B 133 3.86 33.08 5.82
C GLU B 133 3.89 34.50 5.24
N LEU B 134 3.80 35.48 6.13
CA LEU B 134 3.82 36.89 5.76
C LEU B 134 4.74 37.62 6.73
N GLY B 135 5.83 38.15 6.19
CA GLY B 135 6.81 39.02 6.94
C GLY B 135 6.60 40.49 6.64
N TYR B 150 13.09 45.98 13.49
CA TYR B 150 12.34 44.72 13.35
C TYR B 150 11.00 45.01 12.68
N HIS B 151 10.70 44.31 11.58
CA HIS B 151 9.40 44.45 10.91
C HIS B 151 8.41 43.42 11.50
N TYR B 152 7.40 43.92 12.21
CA TYR B 152 6.35 43.10 12.74
C TYR B 152 5.34 42.84 11.63
N THR B 153 4.68 41.69 11.67
CA THR B 153 3.54 41.51 10.76
C THR B 153 2.53 42.64 11.03
N ASP B 154 2.04 43.27 9.95
CA ASP B 154 1.01 44.30 10.08
C ASP B 154 -0.39 43.64 10.14
N PRO B 155 -1.22 43.99 11.13
CA PRO B 155 -2.55 43.38 11.24
C PRO B 155 -3.41 43.51 9.95
N ASP B 156 -3.47 44.70 9.35
CA ASP B 156 -4.39 44.85 8.21
C ASP B 156 -3.86 44.11 6.97
N GLN B 157 -2.55 44.16 6.76
CA GLN B 157 -1.93 43.37 5.68
C GLN B 157 -2.19 41.87 5.88
N ALA B 158 -2.06 41.41 7.12
CA ALA B 158 -2.32 39.97 7.46
C ALA B 158 -3.77 39.60 7.12
N ALA B 159 -4.72 40.47 7.49
CA ALA B 159 -6.12 40.23 7.18
C ALA B 159 -6.33 40.14 5.66
N GLU B 160 -5.76 41.06 4.89
CA GLU B 160 -5.93 41.11 3.45
C GLU B 160 -5.35 39.84 2.82
N PHE B 161 -4.17 39.47 3.31
CA PHE B 161 -3.45 38.30 2.82
C PHE B 161 -4.28 37.03 3.03
N VAL B 162 -4.83 36.87 4.21
CA VAL B 162 -5.57 35.63 4.53
C VAL B 162 -6.87 35.59 3.74
N GLU B 163 -7.57 36.70 3.74
CA GLU B 163 -8.83 36.80 2.99
C GLU B 163 -8.58 36.52 1.51
N ARG B 164 -7.49 37.04 0.95
CA ARG B 164 -7.27 36.92 -0.48
C ARG B 164 -6.75 35.53 -0.86
N THR B 165 -5.88 34.93 -0.04
CA THR B 165 -5.31 33.62 -0.38
C THR B 165 -6.25 32.45 -0.03
N GLY B 166 -7.04 32.58 1.03
CA GLY B 166 -7.81 31.46 1.54
C GLY B 166 -6.94 30.48 2.33
N CYS B 167 -5.74 30.90 2.75
CA CYS B 167 -4.84 30.00 3.53
C CYS B 167 -5.46 29.64 4.88
N ASP B 168 -5.00 28.55 5.48
CA ASP B 168 -5.65 27.94 6.60
C ASP B 168 -4.99 28.32 7.93
N SER B 169 -3.78 28.85 7.86
CA SER B 169 -3.02 29.28 9.02
C SER B 169 -1.94 30.25 8.53
N LEU B 170 -1.39 31.08 9.44
CA LEU B 170 -0.46 32.16 9.03
C LEU B 170 0.72 32.25 10.02
N ALA B 171 1.95 32.07 9.52
CA ALA B 171 3.14 32.28 10.31
C ALA B 171 3.40 33.78 10.36
N VAL B 172 3.59 34.32 11.57
CA VAL B 172 3.65 35.75 11.75
C VAL B 172 4.95 36.14 12.47
N ALA B 173 5.33 37.40 12.30
CA ALA B 173 6.51 37.97 12.99
C ALA B 173 6.07 38.86 14.14
N ILE B 174 6.33 38.49 15.39
CA ILE B 174 5.78 39.16 16.57
C ILE B 174 6.91 39.60 17.50
N GLY B 175 8.11 39.62 16.97
CA GLY B 175 9.30 39.97 17.77
C GLY B 175 10.24 38.78 17.87
N ASN B 176 9.70 37.60 17.56
CA ASN B 176 10.46 36.37 17.51
C ASN B 176 11.42 36.40 16.31
N GLN B 177 12.54 35.72 16.54
CA GLN B 177 13.50 35.50 15.48
C GLN B 177 13.14 34.16 14.84
N HIS B 178 13.19 34.15 13.51
CA HIS B 178 12.88 32.95 12.72
C HIS B 178 13.87 31.83 13.08
N GLY B 179 15.14 32.16 13.31
CA GLY B 179 16.14 31.15 13.65
C GLY B 179 17.08 31.66 14.72
N VAL B 180 18.33 31.93 14.35
CA VAL B 180 19.34 32.47 15.28
C VAL B 180 18.93 33.88 15.77
N TYR B 181 19.42 34.28 16.93
CA TYR B 181 19.21 35.62 17.49
C TYR B 181 20.55 36.19 18.00
N THR B 182 20.65 37.52 18.13
CA THR B 182 21.76 38.20 18.84
C THR B 182 21.37 38.41 20.31
N SER B 183 20.63 39.49 20.57
CA SER B 183 20.06 39.79 21.88
C SER B 183 18.72 39.06 22.03
N GLU B 184 18.32 38.83 23.29
CA GLU B 184 17.06 38.14 23.64
C GLU B 184 15.91 38.72 22.82
N PRO B 185 15.19 37.86 22.04
CA PRO B 185 14.06 38.44 21.32
C PRO B 185 13.08 39.06 22.32
N GLN B 186 12.46 40.15 21.93
CA GLN B 186 11.42 40.69 22.75
C GLN B 186 10.13 40.54 21.95
N LEU B 187 9.23 39.68 22.42
CA LEU B 187 7.93 39.56 21.79
C LEU B 187 7.12 40.82 22.10
N ASN B 188 6.42 41.33 21.09
CA ASN B 188 5.50 42.42 21.27
C ASN B 188 4.09 41.81 21.40
N PHE B 189 3.56 41.82 22.60
CA PHE B 189 2.31 41.15 22.88
C PHE B 189 1.14 41.97 22.31
N GLU B 190 1.31 43.29 22.18
CA GLU B 190 0.25 44.10 21.53
C GLU B 190 0.13 43.67 20.06
N VAL B 191 1.24 43.40 19.39
CA VAL B 191 1.20 42.93 17.99
C VAL B 191 0.44 41.60 17.92
N VAL B 192 0.70 40.67 18.85
CA VAL B 192 0.06 39.37 18.82
C VAL B 192 -1.45 39.58 18.92
N LYS B 193 -1.89 40.41 19.86
CA LYS B 193 -3.32 40.62 20.09
C LYS B 193 -3.98 41.19 18.83
N ARG B 194 -3.31 42.12 18.18
CA ARG B 194 -3.93 42.87 17.09
C ARG B 194 -3.95 42.01 15.82
N VAL B 195 -2.89 41.24 15.60
CA VAL B 195 -2.89 40.30 14.48
C VAL B 195 -3.94 39.21 14.75
N ARG B 196 -3.99 38.67 15.96
CA ARG B 196 -5.00 37.67 16.29
C ARG B 196 -6.42 38.21 15.98
N ASP B 197 -6.69 39.42 16.43
CA ASP B 197 -7.99 40.03 16.19
C ASP B 197 -8.26 40.26 14.69
N ALA B 198 -7.24 40.53 13.89
CA ALA B 198 -7.48 40.89 12.49
C ALA B 198 -7.71 39.66 11.60
N VAL B 199 -7.16 38.52 12.03
CA VAL B 199 -7.03 37.37 11.13
C VAL B 199 -7.99 36.27 11.58
N SER B 200 -8.61 35.55 10.64
CA SER B 200 -9.65 34.58 10.98
C SER B 200 -9.07 33.17 11.15
N VAL B 201 -7.77 32.99 10.95
CA VAL B 201 -7.17 31.65 10.99
C VAL B 201 -6.13 31.59 12.11
N PRO B 202 -5.74 30.36 12.50
CA PRO B 202 -4.71 30.24 13.54
C PRO B 202 -3.35 30.86 13.20
N LEU B 203 -2.66 31.27 14.25
CA LEU B 203 -1.36 31.92 14.10
C LEU B 203 -0.24 30.93 14.45
N VAL B 204 0.84 31.03 13.71
CA VAL B 204 1.98 30.12 13.80
C VAL B 204 3.25 30.93 14.05
N LEU B 205 4.15 30.39 14.84
CA LEU B 205 5.51 30.96 14.97
C LEU B 205 6.52 29.98 14.37
N HIS B 206 7.30 30.48 13.44
CA HIS B 206 8.50 29.83 12.99
C HIS B 206 9.65 30.39 13.84
N GLY B 207 10.00 29.70 14.87
CA GLY B 207 11.16 30.10 15.64
C GLY B 207 10.70 30.83 16.87
N ALA B 208 11.16 30.25 17.96
CA ALA B 208 10.87 30.72 19.26
C ALA B 208 12.14 30.67 20.11
N SER B 209 13.31 30.47 19.48
CA SER B 209 14.51 30.33 20.28
C SER B 209 14.83 31.65 20.98
N GLY B 210 15.40 31.50 22.16
CA GLY B 210 15.85 32.64 22.93
C GLY B 210 14.72 33.31 23.68
N ILE B 211 13.50 32.78 23.55
CA ILE B 211 12.35 33.39 24.19
C ILE B 211 12.15 32.70 25.53
N SER B 212 11.91 33.48 26.57
CA SER B 212 11.70 32.92 27.88
C SER B 212 10.44 32.05 27.87
N ASP B 213 10.39 31.11 28.81
CA ASP B 213 9.23 30.27 29.03
C ASP B 213 8.01 31.17 29.31
N ALA B 214 8.19 32.20 30.14
CA ALA B 214 7.04 33.04 30.52
C ALA B 214 6.50 33.76 29.29
N ASP B 215 7.40 34.16 28.41
CA ASP B 215 7.02 34.93 27.22
C ASP B 215 6.39 34.02 26.14
N ILE B 216 6.89 32.81 25.99
CA ILE B 216 6.24 31.83 25.14
C ILE B 216 4.81 31.61 25.66
N LYS B 217 4.65 31.42 26.95
CA LYS B 217 3.34 31.13 27.52
C LYS B 217 2.37 32.30 27.31
N THR B 218 2.85 33.52 27.51
CA THR B 218 2.05 34.71 27.20
C THR B 218 1.65 34.72 25.70
N ALA B 219 2.58 34.46 24.77
CA ALA B 219 2.25 34.53 23.37
C ALA B 219 1.18 33.47 23.06
N ILE B 220 1.34 32.27 23.60
CA ILE B 220 0.32 31.23 23.40
C ILE B 220 -1.05 31.71 23.93
N SER B 221 -1.08 32.35 25.09
CA SER B 221 -2.35 32.77 25.71
C SER B 221 -3.06 33.80 24.83
N LEU B 222 -2.30 34.52 24.02
CA LEU B 222 -2.79 35.59 23.19
C LEU B 222 -3.06 35.13 21.75
N GLY B 223 -2.86 33.84 21.40
CA GLY B 223 -3.32 33.34 20.09
C GLY B 223 -2.30 32.54 19.28
N ILE B 224 -1.07 32.39 19.75
CA ILE B 224 -0.13 31.55 19.01
C ILE B 224 -0.55 30.10 19.25
N ALA B 225 -0.80 29.34 18.19
CA ALA B 225 -1.45 28.05 18.30
C ALA B 225 -0.53 26.93 17.78
N LYS B 226 0.60 27.27 17.18
CA LYS B 226 1.53 26.25 16.63
C LYS B 226 2.91 26.87 16.67
N ILE B 227 3.92 26.12 17.15
CA ILE B 227 5.27 26.64 17.25
C ILE B 227 6.24 25.59 16.67
N ASN B 228 7.05 26.04 15.74
CA ASN B 228 7.98 25.18 15.03
C ASN B 228 9.26 25.09 15.86
N ILE B 229 9.62 23.86 16.21
CA ILE B 229 10.90 23.60 16.87
C ILE B 229 11.93 23.33 15.77
N HIS B 230 12.93 24.18 15.57
CA HIS B 230 13.78 23.96 14.36
C HIS B 230 15.15 23.36 14.69
N THR B 231 15.66 23.56 15.88
CA THR B 231 17.07 23.29 16.13
C THR B 231 17.23 22.42 17.38
N GLU B 232 16.27 22.57 18.29
CA GLU B 232 16.43 22.02 19.62
C GLU B 232 16.50 20.50 19.60
N LEU B 233 15.73 19.76 18.75
CA LEU B 233 15.91 18.31 18.78
C LEU B 233 17.33 17.93 18.36
N OCS B 234 17.87 18.63 17.33
CA OCS B 234 19.19 18.28 16.81
CB OCS B 234 19.57 19.14 15.61
SG OCS B 234 18.56 18.98 14.24
C OCS B 234 20.20 18.46 17.95
O OCS B 234 21.08 17.59 18.20
OD1 OCS B 234 18.40 17.64 13.86
OD2 OCS B 234 19.18 19.94 13.18
OD3 OCS B 234 17.28 19.49 14.64
N GLN B 235 20.09 19.57 18.68
CA GLN B 235 21.05 19.84 19.73
C GLN B 235 20.89 18.86 20.90
N ALA B 236 19.66 18.48 21.24
CA ALA B 236 19.45 17.51 22.30
C ALA B 236 20.03 16.16 21.89
N ALA B 237 19.82 15.77 20.64
CA ALA B 237 20.41 14.54 20.11
C ALA B 237 21.93 14.54 20.24
N MET B 238 22.59 15.64 19.89
CA MET B 238 24.03 15.66 19.87
C MET B 238 24.62 15.53 21.26
N VAL B 239 23.88 15.95 22.30
CA VAL B 239 24.40 15.74 23.65
C VAL B 239 24.49 14.23 23.90
N ALA B 240 23.46 13.48 23.47
CA ALA B 240 23.49 12.04 23.65
C ALA B 240 24.59 11.44 22.77
N VAL B 241 24.81 11.97 21.56
CA VAL B 241 25.84 11.45 20.70
C VAL B 241 27.19 11.59 21.40
N LYS B 242 27.45 12.80 21.87
CA LYS B 242 28.74 13.09 22.50
C LYS B 242 28.94 12.22 23.75
N GLU B 243 27.90 12.11 24.59
CA GLU B 243 27.96 11.29 25.80
C GLU B 243 28.24 9.81 25.48
N ASN B 244 27.82 9.31 24.31
CA ASN B 244 27.83 7.89 24.02
C ASN B 244 28.83 7.60 22.89
N GLN B 245 29.76 8.51 22.66
CA GLN B 245 30.64 8.40 21.52
C GLN B 245 31.57 7.18 21.63
N ASP B 246 31.67 6.58 22.81
CA ASP B 246 32.58 5.41 22.97
C ASP B 246 31.78 4.14 23.29
N GLN B 247 30.47 4.18 23.06
CA GLN B 247 29.55 3.08 23.28
C GLN B 247 29.24 2.37 21.95
N PRO B 248 28.64 1.18 22.02
CA PRO B 248 28.15 0.51 20.80
C PRO B 248 27.12 1.39 20.08
N PHE B 249 27.08 1.31 18.77
CA PHE B 249 26.11 2.12 17.99
C PHE B 249 24.68 1.89 18.44
N LEU B 250 24.26 0.65 18.67
CA LEU B 250 22.92 0.39 19.10
C LEU B 250 22.60 1.15 20.41
N HIS B 251 23.51 1.16 21.38
CA HIS B 251 23.33 1.88 22.62
C HIS B 251 23.24 3.40 22.37
N LEU B 252 24.14 3.91 21.55
CA LEU B 252 24.17 5.36 21.20
C LEU B 252 22.80 5.76 20.64
N GLU B 253 22.28 4.96 19.72
CA GLU B 253 20.98 5.32 19.08
C GLU B 253 19.77 5.18 20.02
N ARG B 254 19.81 4.24 20.97
CA ARG B 254 18.80 4.17 22.00
C ARG B 254 18.85 5.47 22.81
N GLU B 255 20.04 5.95 23.15
CA GLU B 255 20.15 7.19 23.93
C GLU B 255 19.69 8.40 23.09
N VAL B 256 20.00 8.44 21.79
CA VAL B 256 19.56 9.55 20.93
C VAL B 256 18.02 9.60 20.95
N ARG B 257 17.34 8.45 20.79
CA ARG B 257 15.90 8.43 20.83
C ARG B 257 15.36 8.97 22.17
N LYS B 258 15.96 8.55 23.26
CA LYS B 258 15.49 8.99 24.57
C LYS B 258 15.68 10.52 24.73
N ALA B 259 16.79 11.03 24.23
CA ALA B 259 17.09 12.45 24.37
C ALA B 259 16.06 13.27 23.58
N VAL B 260 15.73 12.78 22.41
CA VAL B 260 14.74 13.44 21.55
C VAL B 260 13.39 13.41 22.26
N LYS B 261 13.00 12.27 22.84
CA LYS B 261 11.76 12.16 23.55
C LYS B 261 11.69 13.17 24.71
N GLU B 262 12.79 13.26 25.47
CA GLU B 262 12.80 14.14 26.64
C GLU B 262 12.61 15.60 26.20
N ARG B 263 13.31 16.03 25.16
CA ARG B 263 13.19 17.40 24.68
C ARG B 263 11.79 17.62 24.10
N ALA B 264 11.24 16.65 23.35
CA ALA B 264 9.90 16.84 22.79
C ALA B 264 8.88 16.96 23.93
N LEU B 265 9.05 16.15 24.97
CA LEU B 265 8.16 16.22 26.11
C LEU B 265 8.24 17.59 26.78
N GLU B 266 9.44 18.16 26.94
CA GLU B 266 9.61 19.50 27.53
C GLU B 266 8.81 20.54 26.73
N LYS B 267 8.88 20.45 25.39
CA LYS B 267 8.21 21.45 24.52
C LYS B 267 6.69 21.26 24.59
N ILE B 268 6.22 20.01 24.55
CA ILE B 268 4.79 19.73 24.68
C ILE B 268 4.26 20.29 26.00
N LYS B 269 4.98 20.10 27.10
CA LYS B 269 4.45 20.58 28.40
C LYS B 269 4.51 22.11 28.45
N LEU B 270 5.59 22.70 27.91
CA LEU B 270 5.70 24.16 27.89
C LEU B 270 4.54 24.79 27.09
N PHE B 271 4.14 24.15 25.98
CA PHE B 271 3.12 24.73 25.07
C PHE B 271 1.70 24.38 25.53
N GLY B 272 1.57 23.46 26.50
CA GLY B 272 0.26 23.24 27.12
C GLY B 272 -0.56 22.18 26.40
N SER B 273 0.05 21.42 25.47
CA SER B 273 -0.71 20.47 24.65
C SER B 273 -0.78 19.09 25.33
N ASP B 274 -0.08 18.87 26.44
CA ASP B 274 -0.21 17.64 27.19
C ASP B 274 -1.65 17.46 27.68
N GLY B 275 -2.17 16.25 27.50
CA GLY B 275 -3.53 15.92 27.91
C GLY B 275 -4.57 16.27 26.86
N LYS B 276 -4.24 16.99 25.80
CA LYS B 276 -5.29 17.62 25.00
C LYS B 276 -5.81 16.64 23.95
N ALA B 277 -5.16 15.49 23.81
CA ALA B 277 -5.64 14.53 22.82
C ALA B 277 -6.91 13.84 23.33
N GLU B 278 -7.09 13.69 24.63
CA GLU B 278 -8.20 12.85 25.13
C GLU B 278 -9.14 13.72 25.97
N MET C 1 -4.25 -16.69 0.90
CA MET C 1 -2.85 -16.23 0.95
C MET C 1 -2.25 -16.35 -0.44
N LEU C 2 -1.39 -15.40 -0.77
CA LEU C 2 -0.70 -15.44 -2.06
C LEU C 2 0.23 -16.62 -2.12
N ALA C 3 0.09 -17.43 -3.16
CA ALA C 3 0.71 -18.76 -3.16
C ALA C 3 1.67 -18.89 -4.34
N ASP C 4 2.62 -19.80 -4.23
CA ASP C 4 3.64 -20.08 -5.26
C ASP C 4 3.19 -21.22 -6.17
N ILE C 5 3.03 -20.92 -7.46
CA ILE C 5 2.52 -21.90 -8.43
C ILE C 5 3.54 -23.03 -8.60
N ARG C 6 4.82 -22.76 -8.34
CA ARG C 6 5.83 -23.85 -8.46
C ARG C 6 5.59 -24.93 -7.38
N TYR C 7 5.38 -24.51 -6.14
CA TYR C 7 5.14 -25.39 -5.04
C TYR C 7 3.86 -26.18 -5.32
N TRP C 8 2.79 -25.50 -5.72
CA TRP C 8 1.51 -26.15 -5.86
C TRP C 8 1.44 -27.08 -7.08
N GLU C 9 2.05 -26.70 -8.20
CA GLU C 9 2.06 -27.58 -9.38
C GLU C 9 2.95 -28.82 -9.11
N ASN C 10 3.97 -28.65 -8.27
CA ASN C 10 4.80 -29.80 -7.87
C ASN C 10 3.99 -30.74 -6.97
N ASP C 11 3.21 -30.17 -6.04
CA ASP C 11 2.34 -30.94 -5.15
C ASP C 11 1.29 -31.70 -5.99
N ALA C 12 0.70 -30.98 -6.95
CA ALA C 12 -0.32 -31.54 -7.86
C ALA C 12 0.25 -32.74 -8.67
N THR C 13 1.43 -32.52 -9.21
CA THR C 13 2.15 -33.55 -9.97
C THR C 13 2.37 -34.79 -9.09
N ASN C 14 2.86 -34.58 -7.88
CA ASN C 14 3.31 -35.70 -7.06
C ASN C 14 2.10 -36.42 -6.45
N LYS C 15 1.00 -35.73 -6.21
CA LYS C 15 -0.17 -36.35 -5.65
C LYS C 15 -1.25 -36.61 -6.72
N HIS C 16 -0.99 -36.38 -8.00
CA HIS C 16 -1.85 -36.82 -9.11
C HIS C 16 -3.21 -36.11 -9.03
N TYR C 17 -3.13 -34.81 -8.87
CA TYR C 17 -4.31 -33.95 -9.08
C TYR C 17 -3.91 -32.74 -9.93
N ALA C 18 -4.90 -31.93 -10.33
CA ALA C 18 -4.62 -30.73 -11.12
C ALA C 18 -5.22 -29.51 -10.42
N ILE C 19 -4.55 -28.40 -10.60
CA ILE C 19 -5.05 -27.16 -10.07
C ILE C 19 -5.86 -26.48 -11.17
N ALA C 20 -7.00 -25.92 -10.78
CA ALA C 20 -7.88 -25.18 -11.69
C ALA C 20 -7.36 -23.74 -11.86
N HIS C 21 -7.28 -23.31 -13.11
CA HIS C 21 -6.96 -21.93 -13.50
C HIS C 21 -8.27 -21.32 -13.99
N PHE C 22 -8.78 -20.34 -13.25
CA PHE C 22 -10.01 -19.63 -13.64
C PHE C 22 -9.67 -18.20 -14.07
N ASN C 23 -10.20 -17.85 -15.23
CA ASN C 23 -10.09 -16.51 -15.73
C ASN C 23 -11.18 -15.68 -15.07
N VAL C 24 -10.78 -14.63 -14.35
CA VAL C 24 -11.78 -13.81 -13.68
C VAL C 24 -11.57 -12.35 -14.05
N TRP C 25 -12.65 -11.67 -14.43
CA TRP C 25 -12.46 -10.31 -14.90
C TRP C 25 -13.51 -9.37 -14.33
N ASN C 26 -14.27 -9.82 -13.33
CA ASN C 26 -15.10 -8.87 -12.62
C ASN C 26 -15.33 -9.35 -11.18
N ALA C 27 -16.12 -8.59 -10.42
CA ALA C 27 -16.18 -8.83 -9.01
C ALA C 27 -16.90 -10.16 -8.75
N GLU C 28 -18.05 -10.41 -9.37
CA GLU C 28 -18.80 -11.62 -9.02
C GLU C 28 -18.05 -12.89 -9.46
N MET C 29 -17.32 -12.84 -10.55
CA MET C 29 -16.49 -13.97 -10.97
C MET C 29 -15.38 -14.26 -9.95
N LEU C 30 -14.69 -13.21 -9.52
CA LEU C 30 -13.59 -13.34 -8.55
C LEU C 30 -14.13 -13.90 -7.24
N MET C 31 -15.22 -13.32 -6.76
CA MET C 31 -15.76 -13.73 -5.47
C MET C 31 -16.28 -15.17 -5.55
N GLY C 32 -16.94 -15.58 -6.64
CA GLY C 32 -17.44 -16.95 -6.70
C GLY C 32 -16.30 -17.97 -6.67
N VAL C 33 -15.22 -17.68 -7.39
CA VAL C 33 -14.07 -18.58 -7.45
C VAL C 33 -13.43 -18.71 -6.08
N ILE C 34 -13.24 -17.58 -5.39
CA ILE C 34 -12.68 -17.63 -4.03
C ILE C 34 -13.64 -18.40 -3.10
N ASP C 35 -14.94 -18.15 -3.25
CA ASP C 35 -15.95 -18.89 -2.44
C ASP C 35 -15.75 -20.40 -2.63
N ALA C 36 -15.59 -20.83 -3.89
CA ALA C 36 -15.43 -22.26 -4.22
C ALA C 36 -14.16 -22.82 -3.58
N ALA C 37 -13.05 -22.12 -3.71
CA ALA C 37 -11.75 -22.62 -3.24
C ALA C 37 -11.74 -22.75 -1.72
N GLU C 38 -12.38 -21.79 -1.07
CA GLU C 38 -12.53 -21.79 0.39
C GLU C 38 -13.39 -22.97 0.83
N GLU C 39 -14.51 -23.17 0.17
CA GLU C 39 -15.39 -24.26 0.55
C GLU C 39 -14.69 -25.62 0.31
N ALA C 40 -13.98 -25.75 -0.81
CA ALA C 40 -13.34 -27.02 -1.19
C ALA C 40 -11.98 -27.22 -0.50
N LYS C 41 -11.50 -26.22 0.22
CA LYS C 41 -10.19 -26.28 0.86
C LYS C 41 -9.14 -26.63 -0.20
N SER C 42 -9.11 -25.82 -1.26
CA SER C 42 -8.35 -26.12 -2.45
C SER C 42 -7.44 -24.95 -2.82
N PRO C 43 -6.22 -25.22 -3.29
CA PRO C 43 -5.46 -24.22 -4.04
C PRO C 43 -6.24 -23.78 -5.28
N VAL C 44 -6.04 -22.55 -5.75
CA VAL C 44 -6.70 -22.13 -6.94
C VAL C 44 -5.80 -21.09 -7.64
N ILE C 45 -5.95 -20.99 -8.95
CA ILE C 45 -5.29 -19.97 -9.77
C ILE C 45 -6.37 -19.05 -10.31
N ILE C 46 -6.21 -17.74 -10.03
CA ILE C 46 -7.05 -16.71 -10.62
C ILE C 46 -6.19 -15.92 -11.60
N SER C 47 -6.78 -15.68 -12.77
CA SER C 47 -6.04 -15.17 -13.89
C SER C 47 -6.79 -14.02 -14.54
N PHE C 48 -5.97 -13.10 -15.09
CA PHE C 48 -6.44 -12.06 -16.05
C PHE C 48 -5.54 -12.13 -17.30
N GLY C 49 -6.02 -11.57 -18.40
CA GLY C 49 -5.22 -11.55 -19.62
C GLY C 49 -5.76 -10.50 -20.58
N THR C 50 -5.10 -10.39 -21.73
CA THR C 50 -5.32 -9.28 -22.67
C THR C 50 -6.74 -9.35 -23.25
N GLY C 51 -7.31 -10.56 -23.27
CA GLY C 51 -8.67 -10.79 -23.82
C GLY C 51 -9.74 -10.08 -23.01
N PHE C 52 -9.37 -9.53 -21.86
CA PHE C 52 -10.38 -8.88 -20.99
C PHE C 52 -10.10 -7.41 -20.73
N VAL C 53 -9.01 -6.84 -21.26
CA VAL C 53 -8.64 -5.50 -20.85
C VAL C 53 -9.65 -4.46 -21.40
N GLY C 54 -10.41 -4.80 -22.41
CA GLY C 54 -11.45 -3.89 -22.94
C GLY C 54 -12.73 -3.93 -22.09
N ASN C 55 -12.92 -5.01 -21.32
CA ASN C 55 -14.06 -5.09 -20.42
C ASN C 55 -13.75 -4.44 -19.08
N THR C 56 -12.58 -4.75 -18.49
CA THR C 56 -12.29 -4.33 -17.12
C THR C 56 -10.90 -3.71 -17.04
N SER C 57 -10.79 -2.63 -16.29
CA SER C 57 -9.50 -1.97 -16.01
C SER C 57 -8.67 -2.90 -15.12
N PHE C 58 -7.71 -3.57 -15.74
CA PHE C 58 -6.82 -4.46 -15.02
C PHE C 58 -6.09 -3.72 -13.90
N GLU C 59 -5.60 -2.53 -14.22
CA GLU C 59 -4.74 -1.85 -13.26
C GLU C 59 -5.56 -1.55 -12.00
N ASP C 60 -6.86 -1.36 -12.11
CA ASP C 60 -7.70 -1.15 -10.90
C ASP C 60 -8.21 -2.46 -10.29
N PHE C 61 -8.68 -3.39 -11.12
CA PHE C 61 -9.27 -4.61 -10.67
C PHE C 61 -8.20 -5.47 -9.97
N SER C 62 -6.98 -5.35 -10.45
CA SER C 62 -5.87 -6.12 -9.85
C SER C 62 -5.83 -5.92 -8.34
N HIS C 63 -6.18 -4.75 -7.85
CA HIS C 63 -6.15 -4.46 -6.43
C HIS C 63 -7.14 -5.32 -5.67
N MET C 64 -8.31 -5.56 -6.24
CA MET C 64 -9.27 -6.46 -5.61
C MET C 64 -8.78 -7.91 -5.71
N MET C 65 -8.21 -8.31 -6.84
CA MET C 65 -7.65 -9.67 -6.98
C MET C 65 -6.61 -9.94 -5.88
N VAL C 66 -5.66 -9.04 -5.73
CA VAL C 66 -4.56 -9.24 -4.81
C VAL C 66 -5.09 -9.26 -3.36
N SER C 67 -5.94 -8.30 -3.03
CA SER C 67 -6.57 -8.25 -1.70
C SER C 67 -7.29 -9.56 -1.40
N MET C 68 -8.09 -10.07 -2.33
CA MET C 68 -8.80 -11.29 -2.01
C MET C 68 -7.84 -12.47 -1.88
N ALA C 69 -6.83 -12.50 -2.72
CA ALA C 69 -5.83 -13.57 -2.67
C ALA C 69 -5.12 -13.56 -1.33
N GLN C 70 -4.81 -12.38 -0.85
CA GLN C 70 -4.05 -12.24 0.42
C GLN C 70 -4.91 -12.72 1.59
N LYS C 71 -6.16 -12.30 1.61
CA LYS C 71 -7.05 -12.56 2.74
C LYS C 71 -7.66 -13.96 2.71
N ALA C 72 -7.61 -14.67 1.58
CA ALA C 72 -8.18 -16.00 1.54
C ALA C 72 -7.41 -16.90 2.52
N THR C 73 -8.12 -17.87 3.04
CA THR C 73 -7.51 -18.82 3.97
C THR C 73 -6.94 -20.01 3.19
N VAL C 74 -7.14 -20.04 1.87
CA VAL C 74 -6.59 -21.05 1.00
C VAL C 74 -5.53 -20.41 0.07
N PRO C 75 -4.66 -21.24 -0.54
CA PRO C 75 -3.64 -20.78 -1.49
C PRO C 75 -4.28 -20.20 -2.76
N VAL C 76 -3.93 -18.96 -3.09
CA VAL C 76 -4.44 -18.32 -4.31
C VAL C 76 -3.27 -17.78 -5.10
N ILE C 77 -3.14 -18.24 -6.33
CA ILE C 77 -2.09 -17.78 -7.25
C ILE C 77 -2.69 -16.70 -8.14
N THR C 78 -2.02 -15.57 -8.27
CA THR C 78 -2.45 -14.51 -9.16
C THR C 78 -1.61 -14.58 -10.45
N HIS C 79 -2.28 -14.86 -11.57
CA HIS C 79 -1.58 -15.31 -12.76
C HIS C 79 -1.95 -14.43 -13.96
N TRP C 80 -0.98 -14.07 -14.80
CA TRP C 80 -1.23 -13.40 -16.07
C TRP C 80 -1.16 -14.43 -17.19
N ASP C 81 -2.26 -14.63 -17.89
CA ASP C 81 -2.41 -15.67 -18.90
C ASP C 81 -1.93 -15.15 -20.27
N HIS C 82 -1.40 -16.08 -21.06
CA HIS C 82 -1.08 -15.80 -22.48
CA HIS C 82 -1.06 -15.82 -22.47
C HIS C 82 -0.36 -14.46 -22.64
N GLY C 83 0.75 -14.27 -21.94
CA GLY C 83 1.44 -13.02 -22.01
C GLY C 83 2.07 -12.79 -23.38
N ARG C 84 1.75 -11.66 -24.02
CA ARG C 84 2.09 -11.46 -25.42
C ARG C 84 3.35 -10.63 -25.59
N SER C 85 3.90 -10.04 -24.52
CA SER C 85 5.07 -9.17 -24.62
C SER C 85 5.70 -9.00 -23.23
N MET C 86 6.97 -8.63 -23.21
CA MET C 86 7.64 -8.31 -21.93
C MET C 86 6.94 -7.14 -21.22
N GLU C 87 6.53 -6.10 -21.96
CA GLU C 87 5.78 -4.97 -21.36
C GLU C 87 4.51 -5.45 -20.63
N ILE C 88 3.74 -6.33 -21.26
CA ILE C 88 2.46 -6.77 -20.71
C ILE C 88 2.74 -7.57 -19.43
N ILE C 89 3.73 -8.45 -19.44
CA ILE C 89 3.88 -9.29 -18.24
C ILE C 89 4.60 -8.49 -17.15
N HIS C 90 5.41 -7.51 -17.53
CA HIS C 90 5.98 -6.62 -16.56
C HIS C 90 4.87 -5.83 -15.85
N ASN C 91 3.91 -5.33 -16.61
CA ASN C 91 2.77 -4.59 -16.07
C ASN C 91 1.97 -5.51 -15.12
N ALA C 92 1.83 -6.78 -15.50
CA ALA C 92 1.12 -7.75 -14.63
C ALA C 92 1.87 -7.90 -13.31
N TRP C 93 3.20 -8.01 -13.37
CA TRP C 93 4.03 -8.16 -12.16
C TRP C 93 3.90 -6.93 -11.27
N THR C 94 4.00 -5.72 -11.83
CA THR C 94 3.94 -4.52 -10.98
C THR C 94 2.55 -4.36 -10.39
N HIS C 95 1.53 -5.06 -10.92
CA HIS C 95 0.16 -4.97 -10.33
C HIS C 95 -0.17 -6.23 -9.51
N GLY C 96 0.82 -7.02 -9.10
CA GLY C 96 0.65 -8.04 -8.08
C GLY C 96 0.34 -9.43 -8.60
N MET C 97 0.51 -9.67 -9.91
CA MET C 97 0.45 -11.03 -10.37
C MET C 97 1.75 -11.72 -9.96
N ASN C 98 1.67 -12.91 -9.34
CA ASN C 98 2.87 -13.54 -8.80
C ASN C 98 3.21 -14.79 -9.61
N SER C 99 2.59 -14.92 -10.78
CA SER C 99 2.81 -16.02 -11.71
C SER C 99 2.56 -15.50 -13.12
N LEU C 100 3.44 -15.78 -14.07
CA LEU C 100 3.30 -15.24 -15.44
C LEU C 100 3.33 -16.36 -16.47
N MET C 101 2.57 -16.23 -17.54
CA MET C 101 2.77 -17.04 -18.75
C MET C 101 3.32 -16.14 -19.85
N ARG C 102 4.43 -16.55 -20.45
CA ARG C 102 4.89 -15.90 -21.64
C ARG C 102 4.59 -16.86 -22.80
N ASP C 103 3.63 -16.50 -23.63
CA ASP C 103 3.19 -17.41 -24.70
C ASP C 103 3.82 -16.96 -26.01
N ALA C 104 4.86 -17.66 -26.44
CA ALA C 104 5.52 -17.36 -27.71
C ALA C 104 5.36 -18.55 -28.68
N SER C 105 4.34 -19.35 -28.45
CA SER C 105 4.11 -20.57 -29.18
C SER C 105 3.71 -20.33 -30.64
N ALA C 106 3.29 -19.12 -31.00
CA ALA C 106 2.97 -18.85 -32.40
C ALA C 106 4.22 -18.68 -33.24
N PHE C 107 5.41 -18.66 -32.66
CA PHE C 107 6.61 -18.39 -33.44
C PHE C 107 7.38 -19.69 -33.66
N ASP C 108 8.35 -19.65 -34.55
CA ASP C 108 9.20 -20.80 -34.80
C ASP C 108 9.92 -21.18 -33.49
N PHE C 109 10.37 -22.42 -33.44
CA PHE C 109 11.02 -23.01 -32.27
C PHE C 109 12.08 -22.10 -31.66
N GLU C 110 13.09 -21.64 -32.41
CA GLU C 110 14.18 -20.84 -31.83
C GLU C 110 13.66 -19.49 -31.33
N GLU C 111 12.69 -18.92 -32.02
CA GLU C 111 12.15 -17.62 -31.62
C GLU C 111 11.30 -17.80 -30.35
N ASN C 112 10.53 -18.88 -30.25
CA ASN C 112 9.77 -19.20 -29.03
C ASN C 112 10.77 -19.29 -27.87
N ILE C 113 11.86 -20.02 -28.08
CA ILE C 113 12.85 -20.17 -27.04
C ILE C 113 13.40 -18.80 -26.66
N ARG C 114 13.77 -17.99 -27.65
CA ARG C 114 14.41 -16.73 -27.35
C ARG C 114 13.47 -15.85 -26.51
N LEU C 115 12.19 -15.79 -26.87
CA LEU C 115 11.24 -14.88 -26.20
C LEU C 115 10.89 -15.41 -24.81
N THR C 116 10.81 -16.72 -24.69
CA THR C 116 10.50 -17.37 -23.43
C THR C 116 11.70 -17.16 -22.47
N LYS C 117 12.90 -17.43 -22.97
CA LYS C 117 14.08 -17.28 -22.16
C LYS C 117 14.25 -15.82 -21.74
N GLU C 118 13.85 -14.86 -22.59
CA GLU C 118 13.96 -13.48 -22.23
C GLU C 118 13.13 -13.21 -20.96
N ALA C 119 11.90 -13.77 -20.95
CA ALA C 119 11.00 -13.57 -19.78
C ALA C 119 11.61 -14.25 -18.54
N VAL C 120 12.10 -15.46 -18.70
CA VAL C 120 12.67 -16.22 -17.57
C VAL C 120 13.88 -15.48 -16.98
N ASP C 121 14.76 -14.98 -17.83
CA ASP C 121 15.97 -14.36 -17.38
C ASP C 121 15.66 -13.04 -16.65
N PHE C 122 14.59 -12.35 -17.04
CA PHE C 122 14.16 -11.14 -16.37
C PHE C 122 13.49 -11.44 -15.02
N PHE C 123 12.62 -12.43 -14.97
CA PHE C 123 11.70 -12.63 -13.84
C PHE C 123 12.23 -13.64 -12.80
N HIS C 124 13.08 -14.60 -13.15
CA HIS C 124 13.62 -15.47 -12.11
C HIS C 124 14.42 -14.70 -11.04
N PRO C 125 15.20 -13.67 -11.41
CA PRO C 125 15.88 -12.91 -10.38
C PRO C 125 14.92 -12.23 -9.39
N LEU C 126 13.69 -12.00 -9.82
CA LEU C 126 12.63 -11.41 -9.00
C LEU C 126 11.76 -12.46 -8.30
N GLY C 127 12.03 -13.75 -8.52
CA GLY C 127 11.31 -14.83 -7.88
C GLY C 127 9.98 -15.16 -8.56
N ILE C 128 9.79 -14.72 -9.79
CA ILE C 128 8.53 -14.87 -10.44
C ILE C 128 8.63 -16.01 -11.45
N PRO C 129 7.75 -17.00 -11.36
CA PRO C 129 7.73 -18.13 -12.25
C PRO C 129 7.08 -17.81 -13.61
N VAL C 130 7.54 -18.52 -14.63
CA VAL C 130 7.11 -18.29 -16.00
C VAL C 130 6.67 -19.64 -16.61
N GLU C 131 5.38 -19.75 -16.93
CA GLU C 131 4.79 -20.79 -17.74
C GLU C 131 4.99 -20.46 -19.22
N ALA C 132 5.37 -21.47 -20.00
CA ALA C 132 5.59 -21.28 -21.42
C ALA C 132 4.74 -22.27 -22.19
N GLU C 133 4.76 -22.16 -23.52
CA GLU C 133 3.92 -23.02 -24.33
C GLU C 133 4.69 -23.44 -25.57
N LEU C 134 4.61 -24.74 -25.86
CA LEU C 134 5.20 -25.33 -27.05
C LEU C 134 4.13 -26.21 -27.71
N GLY C 135 3.77 -25.88 -28.94
CA GLY C 135 2.76 -26.63 -29.68
C GLY C 135 3.42 -27.66 -30.59
N HIS C 136 2.71 -28.08 -31.62
CA HIS C 136 3.23 -29.01 -32.64
C HIS C 136 4.24 -28.30 -33.54
N VAL C 137 5.53 -28.68 -33.48
CA VAL C 137 6.51 -28.27 -34.51
C VAL C 137 6.72 -29.50 -35.40
N GLY C 138 6.12 -29.46 -36.59
CA GLY C 138 5.93 -30.65 -37.39
C GLY C 138 7.17 -31.01 -38.19
N ASN C 139 7.68 -32.21 -37.93
CA ASN C 139 8.69 -32.89 -38.75
C ASN C 139 8.03 -33.75 -39.84
N GLU C 140 6.72 -33.94 -39.82
CA GLU C 140 6.09 -34.95 -40.69
C GLU C 140 5.84 -34.38 -42.08
N THR C 141 5.67 -35.23 -43.10
CA THR C 141 5.36 -34.71 -44.45
C THR C 141 4.03 -33.94 -44.43
N VAL C 142 3.90 -33.04 -45.38
CA VAL C 142 2.67 -32.28 -45.58
C VAL C 142 1.54 -33.24 -45.95
N TYR C 143 1.84 -34.30 -46.71
CA TYR C 143 0.82 -35.32 -47.02
C TYR C 143 0.36 -36.04 -45.75
N GLU C 144 1.28 -36.47 -44.85
CA GLU C 144 0.86 -37.18 -43.61
C GLU C 144 0.03 -36.25 -42.72
N GLU C 145 0.41 -34.98 -42.61
CA GLU C 145 -0.32 -34.03 -41.77
C GLU C 145 -1.81 -33.99 -42.16
N ALA C 146 -2.11 -34.18 -43.44
CA ALA C 146 -3.53 -34.31 -43.92
C ALA C 146 -4.14 -35.64 -43.44
N LEU C 147 -3.46 -36.76 -43.64
CA LEU C 147 -3.92 -38.04 -43.11
C LEU C 147 -4.05 -37.96 -41.58
N TYR C 152 0.75 -34.05 -30.38
CA TYR C 152 1.08 -32.83 -31.14
C TYR C 152 2.38 -32.17 -30.63
N THR C 153 2.56 -31.86 -29.34
CA THR C 153 3.90 -31.49 -28.82
C THR C 153 4.82 -32.71 -28.87
N ASP C 154 6.01 -32.51 -29.45
CA ASP C 154 7.05 -33.55 -29.52
C ASP C 154 7.84 -33.59 -28.20
N PRO C 155 8.04 -34.79 -27.62
CA PRO C 155 8.73 -34.87 -26.32
C PRO C 155 10.20 -34.43 -26.36
N ASP C 156 10.94 -34.70 -27.43
CA ASP C 156 12.33 -34.31 -27.50
C ASP C 156 12.43 -32.79 -27.63
N GLN C 157 11.61 -32.21 -28.50
CA GLN C 157 11.58 -30.76 -28.61
C GLN C 157 11.19 -30.15 -27.26
N ALA C 158 10.31 -30.82 -26.53
CA ALA C 158 9.87 -30.29 -25.21
C ALA C 158 11.04 -30.27 -24.21
N ALA C 159 11.81 -31.35 -24.14
CA ALA C 159 12.98 -31.37 -23.23
C ALA C 159 14.01 -30.30 -23.62
N GLU C 160 14.33 -30.14 -24.90
CA GLU C 160 15.26 -29.08 -25.32
C GLU C 160 14.70 -27.70 -24.94
N PHE C 161 13.41 -27.53 -25.13
CA PHE C 161 12.79 -26.23 -24.93
C PHE C 161 12.89 -25.83 -23.44
N VAL C 162 12.50 -26.74 -22.56
CA VAL C 162 12.51 -26.42 -21.13
C VAL C 162 13.94 -26.23 -20.63
N GLU C 163 14.86 -27.06 -21.12
CA GLU C 163 16.24 -26.96 -20.70
C GLU C 163 16.83 -25.63 -21.16
N ARG C 164 16.56 -25.18 -22.39
CA ARG C 164 17.22 -23.97 -22.86
C ARG C 164 16.53 -22.71 -22.30
N THR C 165 15.22 -22.77 -22.09
CA THR C 165 14.51 -21.56 -21.64
C THR C 165 14.59 -21.38 -20.12
N GLY C 166 14.60 -22.49 -19.41
CA GLY C 166 14.48 -22.51 -17.93
C GLY C 166 13.07 -22.22 -17.43
N CYS C 167 12.06 -22.40 -18.27
CA CYS C 167 10.67 -22.09 -17.89
C CYS C 167 10.25 -23.04 -16.77
N ASP C 168 9.28 -22.63 -15.95
CA ASP C 168 8.88 -23.35 -14.78
C ASP C 168 7.75 -24.35 -15.01
N SER C 169 7.05 -24.22 -16.11
CA SER C 169 5.98 -25.14 -16.42
C SER C 169 5.73 -25.02 -17.92
N LEU C 170 5.10 -26.02 -18.51
CA LEU C 170 4.95 -26.08 -19.96
C LEU C 170 3.52 -26.50 -20.35
N ALA C 171 2.91 -25.63 -21.14
CA ALA C 171 1.62 -25.89 -21.76
C ALA C 171 1.87 -26.71 -23.04
N VAL C 172 1.15 -27.79 -23.17
CA VAL C 172 1.42 -28.77 -24.20
C VAL C 172 0.15 -29.02 -25.01
N ALA C 173 0.36 -29.32 -26.30
CA ALA C 173 -0.72 -29.67 -27.26
C ALA C 173 -0.88 -31.19 -27.28
N ILE C 174 -2.02 -31.67 -26.80
CA ILE C 174 -2.27 -33.09 -26.64
C ILE C 174 -3.60 -33.45 -27.29
N LEU C 187 -6.70 -35.84 -24.63
CA LEU C 187 -7.31 -36.82 -25.54
C LEU C 187 -6.28 -37.83 -26.08
N ASN C 188 -5.12 -37.43 -26.64
CA ASN C 188 -4.05 -38.40 -27.05
C ASN C 188 -3.07 -38.61 -25.90
N PHE C 189 -3.32 -39.63 -25.10
CA PHE C 189 -2.60 -39.88 -23.88
C PHE C 189 -1.13 -40.22 -24.15
N GLU C 190 -0.79 -40.73 -25.34
CA GLU C 190 0.62 -41.01 -25.63
C GLU C 190 1.46 -39.74 -25.46
N VAL C 191 0.90 -38.64 -25.91
CA VAL C 191 1.67 -37.43 -25.96
C VAL C 191 1.96 -36.98 -24.52
N VAL C 192 0.95 -37.11 -23.65
CA VAL C 192 1.09 -36.71 -22.25
C VAL C 192 2.18 -37.61 -21.63
N LYS C 193 2.06 -38.90 -21.87
CA LYS C 193 3.00 -39.88 -21.34
C LYS C 193 4.43 -39.51 -21.76
N ARG C 194 4.63 -39.28 -23.06
CA ARG C 194 6.00 -39.12 -23.59
C ARG C 194 6.56 -37.77 -23.17
N VAL C 195 5.73 -36.72 -23.14
CA VAL C 195 6.23 -35.42 -22.68
C VAL C 195 6.51 -35.45 -21.17
N ARG C 196 5.66 -36.08 -20.37
CA ARG C 196 5.88 -36.25 -18.91
C ARG C 196 7.25 -36.92 -18.69
N ASP C 197 7.55 -37.93 -19.51
CA ASP C 197 8.78 -38.69 -19.31
C ASP C 197 9.98 -37.81 -19.71
N ALA C 198 9.81 -36.90 -20.67
CA ALA C 198 10.93 -36.15 -21.22
C ALA C 198 11.26 -34.86 -20.43
N VAL C 199 10.33 -34.27 -19.69
CA VAL C 199 10.61 -32.93 -19.09
C VAL C 199 10.48 -33.03 -17.56
N SER C 200 11.21 -32.15 -16.90
CA SER C 200 11.29 -32.14 -15.43
C SER C 200 10.33 -31.11 -14.80
N VAL C 201 9.47 -30.44 -15.58
CA VAL C 201 8.60 -29.38 -15.04
C VAL C 201 7.14 -29.81 -15.20
N PRO C 202 6.24 -29.20 -14.41
CA PRO C 202 4.84 -29.52 -14.52
C PRO C 202 4.24 -29.19 -15.88
N LEU C 203 3.32 -30.04 -16.26
CA LEU C 203 2.60 -29.90 -17.52
C LEU C 203 1.23 -29.21 -17.29
N VAL C 204 0.88 -28.38 -18.27
CA VAL C 204 -0.29 -27.53 -18.24
C VAL C 204 -1.14 -27.82 -19.49
N LEU C 205 -2.46 -27.85 -19.30
CA LEU C 205 -3.45 -28.06 -20.38
C LEU C 205 -4.31 -26.80 -20.57
N HIS C 206 -4.18 -26.20 -21.75
CA HIS C 206 -5.08 -25.19 -22.24
C HIS C 206 -6.10 -25.88 -23.17
N GLY C 207 -7.26 -25.29 -23.40
CA GLY C 207 -8.21 -25.77 -24.42
C GLY C 207 -8.83 -27.13 -24.09
N ALA C 208 -9.11 -27.37 -22.82
CA ALA C 208 -9.66 -28.63 -22.34
C ALA C 208 -11.20 -28.66 -22.42
N SER C 209 -11.85 -27.60 -22.91
CA SER C 209 -13.33 -27.55 -22.85
C SER C 209 -13.93 -28.69 -23.68
N GLY C 210 -14.90 -29.38 -23.15
CA GLY C 210 -15.49 -30.49 -23.90
C GLY C 210 -14.69 -31.78 -23.83
N ILE C 211 -13.46 -31.81 -23.31
CA ILE C 211 -12.84 -33.12 -23.03
C ILE C 211 -13.73 -33.82 -22.01
N SER C 212 -13.98 -35.11 -22.16
CA SER C 212 -14.86 -35.79 -21.24
C SER C 212 -14.24 -35.80 -19.84
N ASP C 213 -15.10 -35.91 -18.84
CA ASP C 213 -14.68 -36.05 -17.47
C ASP C 213 -13.67 -37.20 -17.37
N ALA C 214 -14.00 -38.37 -17.93
CA ALA C 214 -13.14 -39.56 -17.79
C ALA C 214 -11.73 -39.27 -18.34
N ASP C 215 -11.66 -38.59 -19.48
CA ASP C 215 -10.40 -38.30 -20.16
C ASP C 215 -9.58 -37.24 -19.40
N ILE C 216 -10.25 -36.24 -18.83
CA ILE C 216 -9.58 -35.28 -17.96
C ILE C 216 -8.86 -36.03 -16.82
N LYS C 217 -9.61 -36.90 -16.12
CA LYS C 217 -9.09 -37.69 -15.04
C LYS C 217 -7.89 -38.53 -15.52
N THR C 218 -7.94 -39.06 -16.75
CA THR C 218 -6.81 -39.85 -17.27
C THR C 218 -5.63 -38.91 -17.56
N ALA C 219 -5.90 -37.74 -18.12
CA ALA C 219 -4.82 -36.79 -18.42
C ALA C 219 -4.10 -36.39 -17.12
N ILE C 220 -4.86 -36.17 -16.05
CA ILE C 220 -4.30 -35.78 -14.79
C ILE C 220 -3.44 -36.92 -14.22
N SER C 221 -3.96 -38.15 -14.28
CA SER C 221 -3.19 -39.32 -13.79
C SER C 221 -1.86 -39.45 -14.55
N LEU C 222 -1.80 -39.01 -15.80
CA LEU C 222 -0.61 -39.18 -16.59
C LEU C 222 0.34 -37.98 -16.48
N GLY C 223 -0.02 -36.90 -15.78
CA GLY C 223 0.94 -35.81 -15.57
C GLY C 223 0.41 -34.40 -15.78
N ILE C 224 -0.85 -34.21 -16.18
CA ILE C 224 -1.35 -32.83 -16.28
C ILE C 224 -1.63 -32.30 -14.87
N ALA C 225 -1.00 -31.15 -14.51
CA ALA C 225 -1.01 -30.62 -13.14
C ALA C 225 -1.79 -29.29 -13.02
N LYS C 226 -2.12 -28.65 -14.14
CA LYS C 226 -2.91 -27.40 -14.17
C LYS C 226 -3.77 -27.40 -15.44
N ILE C 227 -5.03 -27.03 -15.28
CA ILE C 227 -5.99 -27.02 -16.36
C ILE C 227 -6.72 -25.66 -16.39
N ASN C 228 -6.63 -25.00 -17.54
CA ASN C 228 -7.23 -23.67 -17.75
C ASN C 228 -8.69 -23.83 -18.11
N ILE C 229 -9.55 -23.19 -17.35
CA ILE C 229 -10.96 -23.22 -17.63
C ILE C 229 -11.23 -22.09 -18.64
N HIS C 230 -11.97 -22.39 -19.70
CA HIS C 230 -12.17 -21.47 -20.85
C HIS C 230 -13.37 -20.54 -20.58
N THR C 231 -14.53 -20.85 -21.13
CA THR C 231 -15.68 -19.98 -20.96
C THR C 231 -16.73 -20.64 -20.05
N GLU C 232 -16.36 -21.66 -19.28
CA GLU C 232 -17.34 -22.36 -18.46
C GLU C 232 -17.95 -21.48 -17.38
N LEU C 233 -17.14 -20.65 -16.74
CA LEU C 233 -17.68 -19.73 -15.73
C LEU C 233 -18.62 -18.72 -16.38
N OCS C 234 -18.23 -18.25 -17.58
CA OCS C 234 -19.01 -17.27 -18.35
CB OCS C 234 -18.34 -16.80 -19.66
SG OCS C 234 -16.83 -16.03 -19.48
C OCS C 234 -20.35 -17.90 -18.62
O OCS C 234 -21.40 -17.30 -18.38
OD1 OCS C 234 -15.89 -17.07 -19.05
OD2 OCS C 234 -16.39 -15.64 -20.79
OD3 OCS C 234 -16.98 -14.93 -18.42
N GLN C 235 -20.37 -19.15 -19.05
CA GLN C 235 -21.65 -19.80 -19.38
C GLN C 235 -22.49 -20.04 -18.14
N ALA C 236 -21.85 -20.40 -17.03
CA ALA C 236 -22.55 -20.59 -15.75
C ALA C 236 -23.24 -19.29 -15.31
N ALA C 237 -22.50 -18.19 -15.44
CA ALA C 237 -23.02 -16.85 -15.14
C ALA C 237 -24.24 -16.52 -16.01
N MET C 238 -24.20 -16.83 -17.30
CA MET C 238 -25.27 -16.39 -18.18
C MET C 238 -26.54 -17.19 -17.91
N VAL C 239 -26.45 -18.42 -17.40
CA VAL C 239 -27.65 -19.19 -16.95
C VAL C 239 -28.36 -18.45 -15.79
N ALA C 240 -27.58 -17.98 -14.82
CA ALA C 240 -28.13 -17.14 -13.74
C ALA C 240 -28.67 -15.79 -14.26
N VAL C 241 -28.02 -15.15 -15.23
CA VAL C 241 -28.50 -13.89 -15.75
C VAL C 241 -29.89 -14.11 -16.38
N LYS C 242 -29.99 -15.14 -17.19
CA LYS C 242 -31.22 -15.48 -17.89
C LYS C 242 -32.31 -15.74 -16.85
N GLU C 243 -32.00 -16.55 -15.84
CA GLU C 243 -32.97 -16.97 -14.82
C GLU C 243 -33.47 -15.75 -14.02
N ASN C 244 -32.63 -14.71 -13.87
CA ASN C 244 -32.94 -13.63 -12.96
C ASN C 244 -33.22 -12.34 -13.74
N GLN C 245 -33.55 -12.44 -15.01
CA GLN C 245 -33.58 -11.25 -15.85
C GLN C 245 -34.73 -10.29 -15.48
N ASP C 246 -35.71 -10.75 -14.72
CA ASP C 246 -36.81 -9.86 -14.28
C ASP C 246 -36.69 -9.53 -12.78
N GLN C 247 -35.55 -9.82 -12.16
CA GLN C 247 -35.29 -9.54 -10.75
C GLN C 247 -34.48 -8.23 -10.62
N PRO C 248 -34.40 -7.70 -9.40
CA PRO C 248 -33.52 -6.54 -9.22
C PRO C 248 -32.05 -6.91 -9.49
N PHE C 249 -31.27 -5.93 -9.91
CA PHE C 249 -29.86 -6.16 -10.27
C PHE C 249 -29.06 -6.75 -9.10
N LEU C 250 -29.30 -6.31 -7.86
CA LEU C 250 -28.53 -6.85 -6.74
C LEU C 250 -28.78 -8.35 -6.60
N HIS C 251 -30.05 -8.76 -6.76
CA HIS C 251 -30.42 -10.17 -6.68
C HIS C 251 -29.78 -10.95 -7.84
N LEU C 252 -29.89 -10.43 -9.05
CA LEU C 252 -29.26 -11.08 -10.21
C LEU C 252 -27.77 -11.31 -9.93
N GLU C 253 -27.06 -10.31 -9.39
CA GLU C 253 -25.63 -10.39 -9.33
C GLU C 253 -25.24 -11.36 -8.21
N ARG C 254 -26.04 -11.46 -7.17
CA ARG C 254 -25.79 -12.45 -6.18
C ARG C 254 -25.94 -13.86 -6.78
N GLU C 255 -26.95 -14.10 -7.63
CA GLU C 255 -27.10 -15.39 -8.20
C GLU C 255 -25.96 -15.68 -9.18
N VAL C 256 -25.39 -14.68 -9.84
CA VAL C 256 -24.21 -14.87 -10.71
C VAL C 256 -23.03 -15.38 -9.89
N ARG C 257 -22.79 -14.71 -8.76
CA ARG C 257 -21.71 -15.12 -7.88
C ARG C 257 -21.90 -16.59 -7.46
N LYS C 258 -23.11 -16.95 -7.07
CA LYS C 258 -23.41 -18.33 -6.62
C LYS C 258 -23.24 -19.33 -7.77
N ALA C 259 -23.67 -18.99 -8.94
CA ALA C 259 -23.51 -19.86 -10.15
C ALA C 259 -22.03 -20.05 -10.51
N VAL C 260 -21.23 -18.98 -10.40
CA VAL C 260 -19.79 -19.10 -10.63
C VAL C 260 -19.19 -20.02 -9.56
N LYS C 261 -19.56 -19.84 -8.28
CA LYS C 261 -19.07 -20.72 -7.22
C LYS C 261 -19.36 -22.19 -7.57
N GLU C 262 -20.59 -22.47 -8.00
CA GLU C 262 -21.04 -23.85 -8.22
C GLU C 262 -20.23 -24.49 -9.34
N ARG C 263 -20.00 -23.75 -10.43
CA ARG C 263 -19.23 -24.26 -11.58
C ARG C 263 -17.76 -24.45 -11.19
N ALA C 264 -17.21 -23.48 -10.47
CA ALA C 264 -15.85 -23.60 -9.96
C ALA C 264 -15.70 -24.82 -9.05
N LEU C 265 -16.65 -25.08 -8.16
CA LEU C 265 -16.59 -26.24 -7.26
C LEU C 265 -16.57 -27.54 -8.06
N GLU C 266 -17.39 -27.59 -9.11
CA GLU C 266 -17.48 -28.75 -9.98
C GLU C 266 -16.10 -29.03 -10.58
N LYS C 267 -15.38 -28.01 -11.06
CA LYS C 267 -14.08 -28.23 -11.70
C LYS C 267 -13.05 -28.66 -10.65
N ILE C 268 -13.07 -28.00 -9.50
CA ILE C 268 -12.10 -28.31 -8.44
C ILE C 268 -12.25 -29.80 -8.06
N LYS C 269 -13.48 -30.24 -7.95
CA LYS C 269 -13.74 -31.65 -7.55
C LYS C 269 -13.33 -32.63 -8.65
N LEU C 270 -13.61 -32.32 -9.91
CA LEU C 270 -13.22 -33.13 -11.05
C LEU C 270 -11.70 -33.26 -11.08
N PHE C 271 -11.01 -32.16 -10.79
CA PHE C 271 -9.54 -32.10 -10.89
C PHE C 271 -8.85 -32.73 -9.67
N GLY C 272 -9.60 -32.99 -8.59
CA GLY C 272 -9.08 -33.64 -7.39
C GLY C 272 -8.34 -32.71 -6.45
N SER C 273 -8.46 -31.39 -6.63
CA SER C 273 -7.70 -30.47 -5.79
C SER C 273 -8.47 -30.14 -4.49
N ASP C 274 -9.71 -30.62 -4.33
CA ASP C 274 -10.44 -30.41 -3.06
C ASP C 274 -9.69 -31.08 -1.91
N GLY C 275 -9.57 -30.37 -0.81
CA GLY C 275 -8.85 -30.84 0.36
C GLY C 275 -7.35 -30.66 0.29
N LYS C 276 -6.77 -30.24 -0.84
CA LYS C 276 -5.34 -30.32 -1.01
C LYS C 276 -4.65 -29.13 -0.34
N ALA C 277 -5.39 -28.11 0.08
CA ALA C 277 -4.79 -26.93 0.72
C ALA C 277 -4.36 -27.26 2.16
N GLU C 278 -5.04 -28.20 2.79
CA GLU C 278 -4.61 -28.73 4.11
C GLU C 278 -3.44 -29.71 3.94
N MET D 1 -9.02 11.96 -9.01
CA MET D 1 -8.24 12.18 -7.78
C MET D 1 -9.20 12.22 -6.58
N LEU D 2 -8.72 11.82 -5.42
CA LEU D 2 -9.59 11.74 -4.20
C LEU D 2 -9.94 13.14 -3.76
N ALA D 3 -11.22 13.44 -3.64
CA ALA D 3 -11.65 14.83 -3.51
C ALA D 3 -12.42 15.00 -2.20
N ASP D 4 -12.43 16.24 -1.73
CA ASP D 4 -13.11 16.65 -0.49
C ASP D 4 -14.55 17.09 -0.79
N ILE D 5 -15.49 16.36 -0.21
CA ILE D 5 -16.89 16.59 -0.45
C ILE D 5 -17.28 17.96 0.11
N ARG D 6 -16.60 18.46 1.14
CA ARG D 6 -16.98 19.81 1.66
C ARG D 6 -16.69 20.91 0.63
N TYR D 7 -15.54 20.83 -0.01
CA TYR D 7 -15.17 21.78 -1.03
C TYR D 7 -16.15 21.71 -2.20
N TRP D 8 -16.42 20.49 -2.68
CA TRP D 8 -17.25 20.32 -3.86
C TRP D 8 -18.72 20.65 -3.59
N GLU D 9 -19.26 20.30 -2.43
CA GLU D 9 -20.63 20.71 -2.08
C GLU D 9 -20.74 22.22 -1.94
N ASN D 10 -19.69 22.85 -1.43
CA ASN D 10 -19.67 24.30 -1.36
C ASN D 10 -19.70 24.91 -2.78
N ASP D 11 -18.89 24.37 -3.68
CA ASP D 11 -18.86 24.81 -5.07
C ASP D 11 -20.24 24.64 -5.71
N ALA D 12 -20.87 23.47 -5.52
CA ALA D 12 -22.20 23.18 -6.08
C ALA D 12 -23.24 24.17 -5.54
N THR D 13 -23.17 24.43 -4.23
CA THR D 13 -24.08 25.37 -3.58
C THR D 13 -23.93 26.76 -4.22
N ASN D 14 -22.71 27.22 -4.37
CA ASN D 14 -22.43 28.57 -4.81
C ASN D 14 -22.74 28.71 -6.30
N LYS D 15 -22.57 27.66 -7.08
CA LYS D 15 -22.75 27.78 -8.51
C LYS D 15 -24.10 27.20 -8.97
N HIS D 16 -24.88 26.75 -8.02
CA HIS D 16 -26.26 26.30 -8.26
C HIS D 16 -26.29 25.06 -9.18
N TYR D 17 -25.46 24.07 -8.83
CA TYR D 17 -25.56 22.75 -9.44
C TYR D 17 -25.59 21.74 -8.30
N ALA D 18 -25.83 20.46 -8.63
CA ALA D 18 -25.74 19.42 -7.61
C ALA D 18 -24.75 18.35 -8.06
N ILE D 19 -24.10 17.72 -7.10
CA ILE D 19 -23.20 16.55 -7.40
C ILE D 19 -24.04 15.27 -7.29
N ALA D 20 -23.88 14.37 -8.27
CA ALA D 20 -24.45 13.07 -8.24
C ALA D 20 -23.67 12.14 -7.31
N HIS D 21 -24.44 11.43 -6.51
CA HIS D 21 -23.97 10.35 -5.68
C HIS D 21 -24.49 9.05 -6.30
N PHE D 22 -23.57 8.18 -6.67
CA PHE D 22 -23.91 6.91 -7.25
C PHE D 22 -23.48 5.78 -6.31
N ASN D 23 -24.41 4.89 -6.02
CA ASN D 23 -24.11 3.71 -5.27
C ASN D 23 -23.55 2.66 -6.23
N VAL D 24 -22.34 2.20 -5.96
CA VAL D 24 -21.62 1.27 -6.88
C VAL D 24 -21.07 0.13 -6.04
N TRP D 25 -21.34 -1.09 -6.51
CA TRP D 25 -20.98 -2.23 -5.69
C TRP D 25 -20.38 -3.35 -6.55
N ASN D 26 -20.05 -3.08 -7.80
CA ASN D 26 -19.33 -4.04 -8.60
C ASN D 26 -18.54 -3.30 -9.67
N ALA D 27 -17.76 -4.06 -10.44
CA ALA D 27 -16.74 -3.51 -11.35
C ALA D 27 -17.42 -2.66 -12.41
N GLU D 28 -18.46 -3.20 -13.02
CA GLU D 28 -19.08 -2.51 -14.17
C GLU D 28 -19.78 -1.24 -13.68
N MET D 29 -20.44 -1.30 -12.54
CA MET D 29 -21.08 -0.05 -12.00
C MET D 29 -20.02 1.02 -11.74
N LEU D 30 -18.90 0.65 -11.09
CA LEU D 30 -17.82 1.64 -10.76
C LEU D 30 -17.23 2.22 -12.06
N MET D 31 -16.91 1.35 -13.01
CA MET D 31 -16.25 1.79 -14.22
C MET D 31 -17.18 2.67 -15.05
N GLY D 32 -18.45 2.31 -15.14
CA GLY D 32 -19.39 3.09 -15.90
C GLY D 32 -19.57 4.49 -15.32
N VAL D 33 -19.65 4.56 -14.00
CA VAL D 33 -19.75 5.88 -13.33
C VAL D 33 -18.49 6.72 -13.57
N ILE D 34 -17.30 6.13 -13.37
CA ILE D 34 -16.06 6.89 -13.59
C ILE D 34 -16.01 7.32 -15.07
N ASP D 35 -16.37 6.42 -15.99
CA ASP D 35 -16.44 6.73 -17.45
C ASP D 35 -17.26 8.02 -17.67
N ALA D 36 -18.45 8.07 -17.08
CA ALA D 36 -19.37 9.18 -17.25
C ALA D 36 -18.75 10.46 -16.68
N ALA D 37 -18.22 10.39 -15.44
CA ALA D 37 -17.65 11.59 -14.79
C ALA D 37 -16.46 12.15 -15.59
N GLU D 38 -15.59 11.27 -16.08
CA GLU D 38 -14.47 11.70 -16.95
C GLU D 38 -14.99 12.37 -18.24
N GLU D 39 -15.89 11.72 -18.93
CA GLU D 39 -16.41 12.25 -20.18
C GLU D 39 -17.09 13.60 -19.93
N ALA D 40 -17.85 13.72 -18.86
CA ALA D 40 -18.51 14.98 -18.57
C ALA D 40 -17.63 16.01 -17.87
N LYS D 41 -16.39 15.70 -17.50
CA LYS D 41 -15.53 16.62 -16.75
C LYS D 41 -16.27 17.16 -15.52
N SER D 42 -16.75 16.22 -14.71
CA SER D 42 -17.61 16.46 -13.54
C SER D 42 -17.04 15.81 -12.27
N PRO D 43 -17.19 16.47 -11.11
CA PRO D 43 -17.00 15.83 -9.79
C PRO D 43 -18.07 14.74 -9.66
N VAL D 44 -17.78 13.73 -8.87
CA VAL D 44 -18.74 12.70 -8.65
C VAL D 44 -18.50 12.07 -7.29
N ILE D 45 -19.58 11.53 -6.68
CA ILE D 45 -19.48 10.74 -5.47
C ILE D 45 -19.77 9.28 -5.79
N ILE D 46 -18.87 8.38 -5.37
CA ILE D 46 -19.09 6.94 -5.51
C ILE D 46 -19.25 6.40 -4.10
N SER D 47 -20.28 5.58 -3.90
CA SER D 47 -20.66 5.22 -2.57
C SER D 47 -20.88 3.71 -2.46
N PHE D 48 -20.55 3.20 -1.27
CA PHE D 48 -20.93 1.87 -0.86
C PHE D 48 -21.74 1.99 0.45
N GLY D 49 -22.48 0.95 0.79
CA GLY D 49 -23.19 0.97 2.06
C GLY D 49 -23.55 -0.44 2.51
N THR D 50 -24.25 -0.56 3.64
CA THR D 50 -24.46 -1.88 4.29
C THR D 50 -25.31 -2.79 3.41
N GLY D 51 -26.20 -2.18 2.63
CA GLY D 51 -27.09 -2.92 1.76
C GLY D 51 -26.36 -3.81 0.77
N PHE D 52 -25.09 -3.52 0.51
CA PHE D 52 -24.35 -4.27 -0.54
C PHE D 52 -23.29 -5.22 0.01
N VAL D 53 -23.12 -5.32 1.34
CA VAL D 53 -21.94 -6.03 1.88
C VAL D 53 -22.11 -7.55 1.73
N GLY D 54 -23.33 -8.06 1.59
CA GLY D 54 -23.49 -9.47 1.35
C GLY D 54 -23.17 -9.83 -0.09
N ASN D 55 -23.54 -8.95 -1.03
CA ASN D 55 -23.22 -9.15 -2.45
C ASN D 55 -21.72 -9.09 -2.71
N THR D 56 -21.08 -8.06 -2.21
CA THR D 56 -19.72 -7.76 -2.57
C THR D 56 -18.88 -7.50 -1.33
N SER D 57 -17.68 -8.07 -1.35
CA SER D 57 -16.77 -7.93 -0.24
C SER D 57 -16.26 -6.50 -0.23
N PHE D 58 -16.81 -5.69 0.68
CA PHE D 58 -16.43 -4.28 0.73
C PHE D 58 -14.94 -4.12 0.98
N GLU D 59 -14.36 -4.94 1.88
CA GLU D 59 -12.99 -4.71 2.25
C GLU D 59 -12.10 -4.96 1.04
N ASP D 60 -12.49 -5.81 0.11
CA ASP D 60 -11.65 -6.02 -1.09
C ASP D 60 -12.02 -5.04 -2.20
N PHE D 61 -13.31 -4.90 -2.47
CA PHE D 61 -13.78 -3.97 -3.51
C PHE D 61 -13.36 -2.52 -3.23
N SER D 62 -13.24 -2.14 -1.98
CA SER D 62 -12.82 -0.77 -1.63
C SER D 62 -11.48 -0.44 -2.28
N HIS D 63 -10.57 -1.41 -2.44
CA HIS D 63 -9.29 -1.15 -3.07
C HIS D 63 -9.47 -0.71 -4.52
N MET D 64 -10.44 -1.27 -5.22
CA MET D 64 -10.67 -0.88 -6.59
C MET D 64 -11.37 0.49 -6.64
N MET D 65 -12.31 0.78 -5.72
CA MET D 65 -12.91 2.10 -5.62
C MET D 65 -11.82 3.17 -5.42
N VAL D 66 -10.92 2.93 -4.47
CA VAL D 66 -9.93 3.92 -4.11
C VAL D 66 -8.93 4.10 -5.26
N SER D 67 -8.52 2.99 -5.89
CA SER D 67 -7.57 3.06 -6.99
C SER D 67 -8.18 3.90 -8.13
N MET D 68 -9.44 3.64 -8.45
CA MET D 68 -10.03 4.37 -9.56
C MET D 68 -10.23 5.83 -9.16
N ALA D 69 -10.62 6.08 -7.92
CA ALA D 69 -10.78 7.48 -7.48
C ALA D 69 -9.45 8.24 -7.61
N GLN D 70 -8.36 7.63 -7.17
CA GLN D 70 -7.07 8.31 -7.19
C GLN D 70 -6.63 8.59 -8.63
N LYS D 71 -6.84 7.63 -9.51
CA LYS D 71 -6.28 7.74 -10.85
C LYS D 71 -7.14 8.60 -11.77
N ALA D 72 -8.40 8.84 -11.41
CA ALA D 72 -9.31 9.61 -12.23
C ALA D 72 -8.75 11.03 -12.41
N THR D 73 -9.06 11.60 -13.56
CA THR D 73 -8.64 12.97 -13.88
C THR D 73 -9.68 13.96 -13.38
N VAL D 74 -10.79 13.45 -12.83
CA VAL D 74 -11.81 14.31 -12.24
C VAL D 74 -11.89 14.02 -10.74
N PRO D 75 -12.49 14.94 -9.99
CA PRO D 75 -12.70 14.74 -8.56
C PRO D 75 -13.65 13.57 -8.25
N VAL D 76 -13.17 12.64 -7.42
CA VAL D 76 -13.97 11.52 -7.03
C VAL D 76 -13.97 11.45 -5.49
N ILE D 77 -15.16 11.44 -4.92
CA ILE D 77 -15.37 11.34 -3.48
C ILE D 77 -15.76 9.89 -3.16
N THR D 78 -15.09 9.27 -2.19
CA THR D 78 -15.43 7.95 -1.75
C THR D 78 -16.26 8.04 -0.46
N HIS D 79 -17.49 7.53 -0.54
CA HIS D 79 -18.49 7.87 0.46
C HIS D 79 -19.13 6.60 1.02
N TRP D 80 -19.36 6.57 2.32
CA TRP D 80 -20.13 5.52 2.91
C TRP D 80 -21.54 6.03 3.20
N ASP D 81 -22.52 5.43 2.54
CA ASP D 81 -23.91 5.88 2.63
C ASP D 81 -24.66 5.24 3.82
N HIS D 82 -25.63 6.00 4.33
CA HIS D 82 -26.54 5.53 5.39
C HIS D 82 -25.81 4.73 6.47
N GLY D 83 -24.76 5.32 7.08
CA GLY D 83 -24.02 4.68 8.13
C GLY D 83 -24.86 4.44 9.36
N ARG D 84 -25.00 3.17 9.71
CA ARG D 84 -25.94 2.77 10.78
C ARG D 84 -25.27 2.64 12.14
N SER D 85 -23.94 2.66 12.22
CA SER D 85 -23.23 2.52 13.52
C SER D 85 -21.84 3.15 13.43
N MET D 86 -21.27 3.46 14.57
CA MET D 86 -19.91 3.99 14.63
C MET D 86 -18.94 2.95 14.06
N GLU D 87 -19.14 1.68 14.41
CA GLU D 87 -18.25 0.59 13.99
C GLU D 87 -18.26 0.50 12.44
N ILE D 88 -19.44 0.58 11.83
CA ILE D 88 -19.58 0.44 10.38
C ILE D 88 -18.88 1.61 9.67
N ILE D 89 -19.06 2.83 10.17
CA ILE D 89 -18.41 3.95 9.44
C ILE D 89 -16.92 4.04 9.77
N HIS D 90 -16.49 3.51 10.92
CA HIS D 90 -15.07 3.42 11.24
C HIS D 90 -14.41 2.44 10.26
N ASN D 91 -15.07 1.32 10.00
CA ASN D 91 -14.59 0.35 9.01
C ASN D 91 -14.52 0.97 7.60
N ALA D 92 -15.48 1.78 7.24
CA ALA D 92 -15.49 2.51 5.96
C ALA D 92 -14.25 3.41 5.85
N TRP D 93 -14.03 4.20 6.86
CA TRP D 93 -12.88 5.10 6.95
C TRP D 93 -11.56 4.33 6.84
N THR D 94 -11.40 3.21 7.55
CA THR D 94 -10.12 2.44 7.46
C THR D 94 -9.91 1.81 6.09
N HIS D 95 -10.96 1.66 5.27
CA HIS D 95 -10.85 1.12 3.91
C HIS D 95 -10.94 2.22 2.84
N GLY D 96 -10.70 3.46 3.21
CA GLY D 96 -10.44 4.50 2.25
C GLY D 96 -11.64 5.33 1.82
N MET D 97 -12.79 5.23 2.49
CA MET D 97 -13.85 6.20 2.27
C MET D 97 -13.46 7.52 2.97
N ASN D 98 -13.45 8.60 2.20
CA ASN D 98 -13.01 9.90 2.69
C ASN D 98 -14.22 10.80 2.97
N SER D 99 -15.41 10.22 2.95
CA SER D 99 -16.62 10.96 3.31
C SER D 99 -17.62 9.97 3.95
N LEU D 100 -18.28 10.34 5.03
CA LEU D 100 -19.19 9.39 5.72
C LEU D 100 -20.58 10.01 5.92
N MET D 101 -21.62 9.18 5.90
CA MET D 101 -22.92 9.55 6.33
C MET D 101 -23.22 8.77 7.62
N ARG D 102 -23.61 9.47 8.70
CA ARG D 102 -24.20 8.82 9.86
C ARG D 102 -25.71 9.07 9.84
N ASP D 103 -26.49 8.03 9.55
CA ASP D 103 -27.92 8.21 9.43
C ASP D 103 -28.56 7.75 10.74
N ALA D 104 -28.98 8.72 11.53
CA ALA D 104 -29.73 8.44 12.76
C ALA D 104 -31.14 9.04 12.66
N SER D 105 -31.65 9.17 11.44
CA SER D 105 -32.94 9.81 11.11
C SER D 105 -34.12 8.91 11.51
N ALA D 106 -33.85 7.64 11.82
CA ALA D 106 -34.90 6.76 12.34
C ALA D 106 -35.37 7.23 13.72
N PHE D 107 -34.52 8.00 14.39
CA PHE D 107 -34.68 8.34 15.81
C PHE D 107 -35.24 9.75 15.95
N ASP D 108 -35.82 9.99 17.12
CA ASP D 108 -36.38 11.29 17.37
C ASP D 108 -35.22 12.28 17.48
N PHE D 109 -35.60 13.54 17.42
CA PHE D 109 -34.71 14.65 17.26
C PHE D 109 -33.51 14.55 18.19
N GLU D 110 -33.71 14.35 19.50
CA GLU D 110 -32.60 14.49 20.44
C GLU D 110 -31.61 13.34 20.26
N GLU D 111 -32.15 12.16 19.98
CA GLU D 111 -31.34 11.01 19.82
C GLU D 111 -30.56 11.06 18.48
N ASN D 112 -31.17 11.59 17.45
CA ASN D 112 -30.53 11.80 16.18
C ASN D 112 -29.34 12.76 16.39
N ILE D 113 -29.56 13.79 17.17
CA ILE D 113 -28.43 14.73 17.47
C ILE D 113 -27.31 13.99 18.16
N ARG D 114 -27.65 13.19 19.16
CA ARG D 114 -26.63 12.63 19.99
C ARG D 114 -25.75 11.66 19.16
N LEU D 115 -26.41 10.80 18.41
CA LEU D 115 -25.70 9.82 17.58
C LEU D 115 -24.90 10.50 16.47
N THR D 116 -25.47 11.52 15.83
CA THR D 116 -24.79 12.22 14.79
C THR D 116 -23.58 12.94 15.39
N LYS D 117 -23.77 13.59 16.54
CA LYS D 117 -22.65 14.35 17.14
C LYS D 117 -21.51 13.39 17.52
N GLU D 118 -21.85 12.17 17.93
CA GLU D 118 -20.87 11.20 18.28
C GLU D 118 -19.95 10.92 17.08
N ALA D 119 -20.53 10.84 15.90
CA ALA D 119 -19.77 10.58 14.69
C ALA D 119 -18.90 11.80 14.34
N VAL D 120 -19.49 12.99 14.39
CA VAL D 120 -18.78 14.23 14.08
C VAL D 120 -17.59 14.35 15.02
N ASP D 121 -17.82 14.12 16.31
CA ASP D 121 -16.78 14.35 17.31
C ASP D 121 -15.61 13.36 17.15
N PHE D 122 -15.88 12.15 16.67
CA PHE D 122 -14.84 11.17 16.37
C PHE D 122 -14.06 11.52 15.09
N PHE D 123 -14.77 11.87 14.01
CA PHE D 123 -14.21 11.93 12.68
C PHE D 123 -13.65 13.32 12.35
N HIS D 124 -14.19 14.39 12.92
CA HIS D 124 -13.60 15.72 12.57
C HIS D 124 -12.12 15.85 12.94
N PRO D 125 -11.67 15.27 14.04
CA PRO D 125 -10.23 15.38 14.37
C PRO D 125 -9.35 14.60 13.37
N LEU D 126 -9.97 13.70 12.61
CA LEU D 126 -9.32 12.92 11.53
C LEU D 126 -9.52 13.57 10.15
N GLY D 127 -10.21 14.69 10.09
CA GLY D 127 -10.42 15.42 8.87
C GLY D 127 -11.52 14.84 7.98
N ILE D 128 -12.39 14.02 8.57
CA ILE D 128 -13.42 13.30 7.78
C ILE D 128 -14.78 13.96 7.96
N PRO D 129 -15.43 14.31 6.86
CA PRO D 129 -16.75 14.94 6.90
C PRO D 129 -17.86 13.92 7.15
N VAL D 130 -18.89 14.38 7.84
CA VAL D 130 -20.06 13.58 8.17
C VAL D 130 -21.34 14.28 7.66
N GLU D 131 -22.06 13.58 6.79
CA GLU D 131 -23.42 13.91 6.36
C GLU D 131 -24.41 13.30 7.35
N ALA D 132 -25.48 14.03 7.64
CA ALA D 132 -26.54 13.55 8.55
C ALA D 132 -27.88 13.69 7.85
N GLU D 133 -28.92 13.24 8.49
CA GLU D 133 -30.24 13.28 7.88
C GLU D 133 -31.24 13.66 8.98
N LEU D 134 -32.15 14.55 8.62
CA LEU D 134 -33.24 14.99 9.53
C LEU D 134 -34.54 15.01 8.73
N GLY D 135 -35.45 14.12 9.11
CA GLY D 135 -36.75 13.96 8.48
C GLY D 135 -36.92 12.53 8.02
N TYR D 152 -42.04 16.69 6.67
CA TYR D 152 -41.12 17.69 6.10
C TYR D 152 -40.09 18.11 7.17
N THR D 153 -38.85 18.30 6.75
CA THR D 153 -37.86 18.90 7.61
C THR D 153 -38.33 20.29 8.04
N ASP D 154 -38.20 20.54 9.32
CA ASP D 154 -38.55 21.81 9.92
C ASP D 154 -37.30 22.70 9.96
N PRO D 155 -37.41 23.94 9.51
CA PRO D 155 -36.21 24.77 9.38
C PRO D 155 -35.58 25.09 10.74
N ASP D 156 -36.37 25.29 11.80
CA ASP D 156 -35.78 25.56 13.12
C ASP D 156 -35.07 24.31 13.64
N GLN D 157 -35.67 23.14 13.46
CA GLN D 157 -35.00 21.91 13.89
C GLN D 157 -33.72 21.70 13.07
N ALA D 158 -33.76 22.05 11.80
CA ALA D 158 -32.56 21.92 10.96
C ALA D 158 -31.42 22.80 11.47
N ALA D 159 -31.72 24.06 11.76
CA ALA D 159 -30.69 24.99 12.25
C ALA D 159 -30.10 24.48 13.57
N GLU D 160 -30.94 24.06 14.50
CA GLU D 160 -30.50 23.58 15.79
C GLU D 160 -29.70 22.27 15.64
N PHE D 161 -30.14 21.38 14.76
CA PHE D 161 -29.51 20.10 14.57
C PHE D 161 -28.08 20.33 14.04
N VAL D 162 -27.94 21.20 13.07
CA VAL D 162 -26.62 21.45 12.45
C VAL D 162 -25.69 22.10 13.47
N GLU D 163 -26.23 23.07 14.20
CA GLU D 163 -25.46 23.82 15.19
C GLU D 163 -24.98 22.87 16.29
N ARG D 164 -25.84 22.00 16.77
CA ARG D 164 -25.52 21.13 17.90
C ARG D 164 -24.68 19.93 17.48
N THR D 165 -24.85 19.39 16.26
CA THR D 165 -24.05 18.22 15.84
C THR D 165 -22.69 18.60 15.25
N GLY D 166 -22.59 19.72 14.56
CA GLY D 166 -21.44 20.08 13.80
C GLY D 166 -21.33 19.30 12.49
N CYS D 167 -22.44 18.67 12.04
CA CYS D 167 -22.40 17.89 10.79
C CYS D 167 -22.08 18.82 9.61
N ASP D 168 -21.55 18.23 8.53
CA ASP D 168 -20.99 18.96 7.40
C ASP D 168 -21.99 19.16 6.25
N SER D 169 -23.06 18.39 6.25
CA SER D 169 -24.13 18.48 5.25
C SER D 169 -25.38 17.83 5.85
N LEU D 170 -26.53 18.14 5.26
CA LEU D 170 -27.82 17.65 5.80
C LEU D 170 -28.76 17.21 4.67
N ALA D 171 -29.12 15.95 4.76
CA ALA D 171 -30.17 15.33 3.93
C ALA D 171 -31.54 15.72 4.50
N VAL D 172 -32.39 16.22 3.64
CA VAL D 172 -33.67 16.85 4.08
C VAL D 172 -34.85 16.11 3.41
N ALA D 173 -36.01 16.21 4.06
CA ALA D 173 -37.25 15.61 3.58
C ALA D 173 -38.13 16.71 3.01
N ILE D 174 -38.36 16.67 1.70
CA ILE D 174 -39.07 17.75 1.02
C ILE D 174 -40.28 17.21 0.23
N GLY D 175 -40.73 16.00 0.56
CA GLY D 175 -41.75 15.31 -0.24
C GLY D 175 -41.15 14.16 -1.03
N ASN D 176 -39.83 14.06 -1.05
CA ASN D 176 -39.11 12.93 -1.63
C ASN D 176 -39.30 11.69 -0.76
N GLN D 177 -39.24 10.52 -1.38
CA GLN D 177 -39.36 9.23 -0.71
C GLN D 177 -38.15 8.36 -1.05
N GLU D 184 -46.55 9.48 -8.25
CA GLU D 184 -46.34 10.91 -8.43
C GLU D 184 -45.90 11.53 -7.10
N PRO D 185 -44.64 12.01 -7.00
CA PRO D 185 -44.11 12.70 -5.81
C PRO D 185 -44.08 14.23 -6.00
N GLN D 186 -44.90 14.93 -5.20
CA GLN D 186 -44.93 16.39 -5.20
C GLN D 186 -43.94 16.91 -4.15
N LEU D 187 -43.00 17.73 -4.62
CA LEU D 187 -42.04 18.38 -3.77
C LEU D 187 -42.65 19.68 -3.22
N ASN D 188 -42.33 19.97 -1.97
CA ASN D 188 -42.61 21.28 -1.40
C ASN D 188 -41.32 22.11 -1.48
N PHE D 189 -41.26 23.03 -2.43
CA PHE D 189 -40.08 23.84 -2.65
C PHE D 189 -39.88 24.86 -1.53
N GLU D 190 -40.96 25.20 -0.82
CA GLU D 190 -40.84 26.23 0.23
C GLU D 190 -39.99 25.65 1.38
N VAL D 191 -40.09 24.34 1.60
CA VAL D 191 -39.28 23.67 2.60
C VAL D 191 -37.78 23.82 2.25
N VAL D 192 -37.43 23.58 0.98
CA VAL D 192 -36.05 23.69 0.58
C VAL D 192 -35.57 25.12 0.84
N LYS D 193 -36.35 26.12 0.48
CA LYS D 193 -35.93 27.50 0.62
C LYS D 193 -35.72 27.85 2.10
N ARG D 194 -36.65 27.46 2.96
CA ARG D 194 -36.59 27.85 4.37
C ARG D 194 -35.45 27.11 5.08
N VAL D 195 -35.23 25.84 4.73
CA VAL D 195 -34.12 25.11 5.33
C VAL D 195 -32.77 25.70 4.85
N ARG D 196 -32.66 26.04 3.56
CA ARG D 196 -31.43 26.61 2.97
C ARG D 196 -31.08 27.88 3.75
N ASP D 197 -32.12 28.62 4.12
CA ASP D 197 -31.91 29.90 4.75
C ASP D 197 -31.57 29.72 6.23
N ALA D 198 -32.04 28.66 6.88
CA ALA D 198 -31.81 28.43 8.29
C ALA D 198 -30.43 27.80 8.57
N VAL D 199 -29.84 27.12 7.58
CA VAL D 199 -28.68 26.25 7.81
C VAL D 199 -27.46 26.78 7.03
N SER D 200 -26.23 26.58 7.55
CA SER D 200 -24.99 27.09 6.89
C SER D 200 -24.26 25.96 6.14
N VAL D 201 -24.82 24.78 6.08
CA VAL D 201 -24.17 23.67 5.37
C VAL D 201 -24.98 23.28 4.13
N PRO D 202 -24.37 22.53 3.25
CA PRO D 202 -25.01 22.09 2.03
C PRO D 202 -26.15 21.09 2.30
N LEU D 203 -27.16 21.17 1.44
CA LEU D 203 -28.33 20.30 1.55
C LEU D 203 -28.24 19.16 0.52
N VAL D 204 -28.77 18.01 0.94
CA VAL D 204 -28.67 16.75 0.22
C VAL D 204 -30.07 16.16 0.07
N LEU D 205 -30.32 15.54 -1.06
CA LEU D 205 -31.62 14.87 -1.33
C LEU D 205 -31.38 13.37 -1.57
N HIS D 206 -32.00 12.53 -0.73
CA HIS D 206 -32.08 11.09 -0.93
C HIS D 206 -33.42 10.74 -1.58
N GLY D 207 -33.50 9.63 -2.29
CA GLY D 207 -34.83 9.15 -2.73
C GLY D 207 -35.49 10.09 -3.72
N ALA D 208 -34.73 10.43 -4.77
CA ALA D 208 -35.14 11.36 -5.82
C ALA D 208 -35.94 10.67 -6.93
N SER D 209 -36.07 9.34 -6.90
CA SER D 209 -36.72 8.56 -7.98
C SER D 209 -38.11 9.14 -8.28
N GLY D 210 -38.43 9.26 -9.57
CA GLY D 210 -39.79 9.65 -9.94
C GLY D 210 -40.04 11.15 -9.85
N ILE D 211 -39.09 11.93 -9.32
CA ILE D 211 -39.20 13.39 -9.42
C ILE D 211 -38.88 13.79 -10.85
N SER D 212 -39.68 14.70 -11.39
CA SER D 212 -39.50 15.17 -12.74
C SER D 212 -38.18 15.92 -12.87
N ASP D 213 -37.66 15.93 -14.09
CA ASP D 213 -36.51 16.74 -14.46
C ASP D 213 -36.74 18.20 -14.03
N ALA D 214 -37.92 18.77 -14.32
CA ALA D 214 -38.17 20.18 -14.02
C ALA D 214 -38.10 20.41 -12.51
N ASP D 215 -38.62 19.48 -11.73
CA ASP D 215 -38.67 19.62 -10.26
C ASP D 215 -37.27 19.39 -9.63
N ILE D 216 -36.48 18.51 -10.21
CA ILE D 216 -35.09 18.39 -9.78
C ILE D 216 -34.36 19.73 -10.01
N LYS D 217 -34.51 20.28 -11.20
CA LYS D 217 -33.82 21.54 -11.51
C LYS D 217 -34.24 22.62 -10.52
N THR D 218 -35.53 22.69 -10.20
CA THR D 218 -36.03 23.70 -9.29
C THR D 218 -35.38 23.48 -7.91
N ALA D 219 -35.37 22.23 -7.46
CA ALA D 219 -34.80 21.90 -6.15
C ALA D 219 -33.33 22.30 -6.09
N ILE D 220 -32.57 22.03 -7.13
CA ILE D 220 -31.15 22.40 -7.17
C ILE D 220 -31.00 23.93 -7.12
N SER D 221 -31.85 24.63 -7.86
CA SER D 221 -31.77 26.07 -7.89
C SER D 221 -31.99 26.68 -6.50
N LEU D 222 -32.71 26.01 -5.60
CA LEU D 222 -33.08 26.56 -4.31
C LEU D 222 -32.11 26.06 -3.22
N GLY D 223 -31.15 25.20 -3.55
CA GLY D 223 -30.13 24.88 -2.59
C GLY D 223 -29.75 23.41 -2.56
N ILE D 224 -30.44 22.51 -3.25
CA ILE D 224 -30.01 21.07 -3.17
C ILE D 224 -28.68 20.97 -3.93
N ALA D 225 -27.62 20.46 -3.24
CA ALA D 225 -26.26 20.45 -3.74
C ALA D 225 -25.73 19.04 -4.01
N LYS D 226 -26.44 18.03 -3.57
CA LYS D 226 -26.05 16.60 -3.74
C LYS D 226 -27.34 15.78 -3.83
N ILE D 227 -27.40 14.90 -4.83
CA ILE D 227 -28.57 14.07 -5.03
C ILE D 227 -28.12 12.63 -5.17
N ASN D 228 -28.69 11.80 -4.31
CA ASN D 228 -28.41 10.37 -4.26
C ASN D 228 -29.25 9.65 -5.31
N ILE D 229 -28.57 9.00 -6.24
CA ILE D 229 -29.18 8.11 -7.20
C ILE D 229 -29.40 6.74 -6.58
N HIS D 230 -30.68 6.44 -6.37
CA HIS D 230 -31.14 5.29 -5.61
C HIS D 230 -30.98 4.03 -6.48
N THR D 231 -31.96 3.65 -7.29
CA THR D 231 -31.80 2.41 -8.05
C THR D 231 -31.78 2.67 -9.56
N GLU D 232 -31.62 3.90 -10.02
CA GLU D 232 -31.60 4.14 -11.46
C GLU D 232 -30.39 3.47 -12.15
N LEU D 233 -29.21 3.33 -11.53
CA LEU D 233 -28.13 2.57 -12.25
C LEU D 233 -28.50 1.08 -12.35
N OCS D 234 -29.11 0.54 -11.29
CA OCS D 234 -29.59 -0.83 -11.24
CB OCS D 234 -30.17 -1.19 -9.87
SG OCS D 234 -29.11 -1.05 -8.53
C OCS D 234 -30.62 -1.08 -12.33
O OCS D 234 -30.54 -2.10 -13.01
OD1 OCS D 234 -29.77 -1.58 -7.38
OD2 OCS D 234 -28.01 -1.83 -8.86
OD3 OCS D 234 -28.79 0.46 -8.38
N GLN D 235 -31.53 -0.14 -12.54
CA GLN D 235 -32.58 -0.26 -13.56
C GLN D 235 -31.93 -0.20 -14.94
N ALA D 236 -30.98 0.71 -15.12
CA ALA D 236 -30.32 0.80 -16.41
C ALA D 236 -29.59 -0.52 -16.69
N ALA D 237 -28.92 -1.07 -15.67
CA ALA D 237 -28.15 -2.31 -15.88
C ALA D 237 -29.13 -3.42 -16.29
N MET D 238 -30.30 -3.45 -15.66
CA MET D 238 -31.22 -4.56 -15.92
C MET D 238 -31.83 -4.44 -17.33
N VAL D 239 -31.98 -3.22 -17.87
CA VAL D 239 -32.43 -3.09 -19.26
C VAL D 239 -31.36 -3.72 -20.18
N ALA D 240 -30.09 -3.48 -19.89
CA ALA D 240 -29.04 -4.11 -20.70
C ALA D 240 -29.11 -5.63 -20.57
N VAL D 241 -29.43 -6.11 -19.38
CA VAL D 241 -29.55 -7.54 -19.16
C VAL D 241 -30.66 -8.08 -20.06
N LYS D 242 -31.81 -7.43 -20.05
CA LYS D 242 -32.94 -8.02 -20.79
C LYS D 242 -32.63 -7.96 -22.29
N GLU D 243 -31.92 -6.92 -22.73
CA GLU D 243 -31.54 -6.74 -24.15
C GLU D 243 -30.48 -7.78 -24.55
N ASN D 244 -29.75 -8.36 -23.62
CA ASN D 244 -28.56 -9.15 -23.97
C ASN D 244 -28.64 -10.56 -23.38
N GLN D 245 -29.85 -11.07 -23.18
CA GLN D 245 -30.02 -12.33 -22.38
C GLN D 245 -29.41 -13.53 -23.12
N ASP D 246 -29.26 -13.46 -24.45
CA ASP D 246 -28.75 -14.58 -25.25
C ASP D 246 -27.30 -14.36 -25.72
N GLN D 247 -26.58 -13.40 -25.15
CA GLN D 247 -25.29 -13.05 -25.62
C GLN D 247 -24.24 -13.61 -24.66
N PRO D 248 -22.99 -13.62 -25.08
CA PRO D 248 -21.96 -14.11 -24.13
C PRO D 248 -21.77 -13.15 -22.93
N PHE D 249 -21.32 -13.70 -21.81
CA PHE D 249 -21.21 -12.88 -20.58
C PHE D 249 -20.29 -11.67 -20.81
N LEU D 250 -19.21 -11.81 -21.59
CA LEU D 250 -18.28 -10.67 -21.76
C LEU D 250 -19.01 -9.52 -22.46
N HIS D 251 -19.85 -9.85 -23.46
CA HIS D 251 -20.61 -8.83 -24.16
C HIS D 251 -21.66 -8.23 -23.23
N LEU D 252 -22.39 -9.07 -22.52
CA LEU D 252 -23.41 -8.57 -21.59
CA LEU D 252 -23.40 -8.59 -21.58
C LEU D 252 -22.80 -7.53 -20.64
N GLU D 253 -21.64 -7.87 -20.09
CA GLU D 253 -21.01 -6.95 -19.14
C GLU D 253 -20.51 -5.68 -19.82
N ARG D 254 -20.02 -5.73 -21.04
CA ARG D 254 -19.71 -4.49 -21.75
C ARG D 254 -20.98 -3.63 -21.87
N GLU D 255 -22.14 -4.26 -22.12
CA GLU D 255 -23.38 -3.52 -22.31
C GLU D 255 -23.90 -2.97 -20.96
N VAL D 256 -23.71 -3.70 -19.87
CA VAL D 256 -24.06 -3.19 -18.57
C VAL D 256 -23.23 -1.94 -18.25
N ARG D 257 -21.91 -2.01 -18.49
CA ARG D 257 -21.04 -0.86 -18.18
C ARG D 257 -21.49 0.33 -19.03
N LYS D 258 -21.87 0.08 -20.30
CA LYS D 258 -22.25 1.14 -21.17
C LYS D 258 -23.58 1.75 -20.71
N ALA D 259 -24.50 0.92 -20.25
CA ALA D 259 -25.81 1.39 -19.77
C ALA D 259 -25.64 2.25 -18.51
N VAL D 260 -24.75 1.82 -17.62
CA VAL D 260 -24.44 2.59 -16.43
C VAL D 260 -23.86 3.95 -16.81
N LYS D 261 -22.91 3.95 -17.75
CA LYS D 261 -22.28 5.17 -18.18
C LYS D 261 -23.35 6.15 -18.71
N GLU D 262 -24.23 5.64 -19.54
CA GLU D 262 -25.26 6.45 -20.18
C GLU D 262 -26.20 7.06 -19.14
N ARG D 263 -26.67 6.26 -18.21
CA ARG D 263 -27.58 6.73 -17.19
C ARG D 263 -26.86 7.75 -16.27
N ALA D 264 -25.60 7.48 -15.91
CA ALA D 264 -24.87 8.39 -15.03
C ALA D 264 -24.66 9.72 -15.74
N LEU D 265 -24.35 9.68 -17.03
CA LEU D 265 -24.16 10.92 -17.80
C LEU D 265 -25.45 11.76 -17.81
N GLU D 266 -26.56 11.08 -17.96
CA GLU D 266 -27.88 11.73 -17.99
C GLU D 266 -28.10 12.47 -16.66
N LYS D 267 -27.75 11.82 -15.54
CA LYS D 267 -27.94 12.47 -14.22
C LYS D 267 -26.93 13.62 -14.03
N ILE D 268 -25.69 13.42 -14.42
CA ILE D 268 -24.69 14.46 -14.28
C ILE D 268 -25.14 15.71 -15.07
N LYS D 269 -25.65 15.51 -16.28
CA LYS D 269 -26.07 16.65 -17.11
C LYS D 269 -27.33 17.29 -16.51
N LEU D 270 -28.30 16.50 -16.06
CA LEU D 270 -29.51 17.03 -15.42
C LEU D 270 -29.16 17.92 -14.22
N PHE D 271 -28.21 17.45 -13.43
CA PHE D 271 -27.83 18.11 -12.17
C PHE D 271 -26.92 19.29 -12.42
N GLY D 272 -26.36 19.43 -13.62
CA GLY D 272 -25.59 20.59 -13.99
C GLY D 272 -24.12 20.50 -13.62
N SER D 273 -23.64 19.32 -13.24
CA SER D 273 -22.24 19.21 -12.76
C SER D 273 -21.26 18.96 -13.90
N ASP D 274 -21.75 18.81 -15.13
CA ASP D 274 -20.89 18.62 -16.28
C ASP D 274 -20.04 19.88 -16.49
N GLY D 275 -18.75 19.70 -16.68
CA GLY D 275 -17.84 20.82 -16.85
C GLY D 275 -17.39 21.44 -15.55
N LYS D 276 -17.94 21.05 -14.39
CA LYS D 276 -17.57 21.80 -13.16
C LYS D 276 -16.23 21.34 -12.59
N ALA D 277 -15.68 20.25 -13.08
CA ALA D 277 -14.37 19.80 -12.53
C ALA D 277 -13.24 20.75 -12.94
N GLU D 278 -13.39 21.47 -14.04
CA GLU D 278 -12.31 22.36 -14.52
C GLU D 278 -12.81 23.80 -14.50
ZN ZN E . 24.11 -14.49 12.67
CL CL F . 11.82 -35.36 9.25
ZN ZN G . 9.24 30.66 7.80
CL CL H . -6.18 37.85 -4.98
ZN ZN I . -5.32 -20.84 -23.04
ZN ZN J . -2.08 -21.37 -25.12
ZN ZN K . -31.62 8.79 3.80
#